data_1YFL
#
_entry.id   1YFL
#
_cell.length_a   87.871
_cell.length_b   117.648
_cell.length_c   87.865
_cell.angle_alpha   90.00
_cell.angle_beta   90.02
_cell.angle_gamma   90.00
#
_symmetry.space_group_name_H-M   'P 1 21 1'
#
loop_
_entity.id
_entity.type
_entity.pdbx_description
1 polymer "5'-D(P*TP*CP*AP*CP*AP*GP*GP*AP*TP*CP*CP*TP*GP*TP*GP*A)-3'"
2 polymer 'DNA adenine methylase'
3 non-polymer SINEFUNGIN
4 water water
#
loop_
_entity_poly.entity_id
_entity_poly.type
_entity_poly.pdbx_seq_one_letter_code
_entity_poly.pdbx_strand_id
1 'polydeoxyribonucleotide' (DT)(DC)(DA)(DC)(DA)(DG)(DG)(DA)(DT)(DC)(DC)(DT)(DG)(DT)(DG)(DA) F,G,H,I
2 'polypeptide(L)'
;MLGAIAYTGNKQSLLPELKSHFPKYNRFVDLFCGGLSVSLNVNGPVLANDIQEPIIEMYKRLINVSWDDVLKVIKQYKLS
KTSKEEFLKLREDYNKTRDPLLLYVLHFHGFSNMIRINDKGNFTTPFGKRTINKNSEKRFNHFKQNCDKIIFSSLHFKDV
KILDGDFVYVDPPYLITVADYNKFWSEDEEKDLLNLLDSLNDRGIKFGLSNVLEHHGKENTLLKEWSKKYNVKHLNKKYV
FNIYHSKEKNGTDEVYIFN
;
A,B,D,E
#
# COMPACT_ATOMS: atom_id res chain seq x y z
N MET E 1 7.01 -14.48 -0.93
CA MET E 1 7.36 -15.94 -0.92
C MET E 1 8.86 -16.05 -1.03
N LEU E 2 9.53 -15.02 -0.49
CA LEU E 2 10.99 -14.91 -0.47
C LEU E 2 11.64 -15.77 0.60
N GLY E 3 12.90 -16.14 0.35
CA GLY E 3 13.64 -16.91 1.32
C GLY E 3 14.48 -15.89 2.09
N ALA E 4 14.90 -16.23 3.30
CA ALA E 4 15.70 -15.29 4.08
C ALA E 4 17.03 -14.95 3.40
N ILE E 5 17.55 -15.91 2.67
CA ILE E 5 18.82 -15.70 1.99
C ILE E 5 18.79 -16.49 0.69
N ALA E 6 19.43 -16.01 -0.36
CA ALA E 6 19.45 -16.80 -1.60
C ALA E 6 20.01 -18.17 -1.23
N TYR E 7 19.43 -19.21 -1.76
CA TYR E 7 19.90 -20.51 -1.36
C TYR E 7 19.65 -21.57 -2.40
N THR E 8 20.69 -22.35 -2.60
CA THR E 8 20.67 -23.39 -3.57
C THR E 8 19.72 -24.48 -3.18
N GLY E 9 18.75 -24.71 -4.07
CA GLY E 9 17.77 -25.73 -3.83
C GLY E 9 16.47 -25.12 -3.34
N ASN E 10 16.53 -23.84 -2.96
CA ASN E 10 15.35 -23.14 -2.45
C ASN E 10 14.11 -23.53 -3.23
N LYS E 11 12.94 -23.25 -2.67
CA LYS E 11 11.69 -23.61 -3.31
C LYS E 11 10.73 -22.46 -3.58
N GLN E 12 11.15 -21.25 -3.31
CA GLN E 12 10.28 -20.10 -3.51
C GLN E 12 9.13 -20.32 -4.49
N SER E 13 9.47 -20.76 -5.69
CA SER E 13 8.48 -20.98 -6.72
C SER E 13 7.49 -22.12 -6.50
N LEU E 14 7.98 -23.31 -6.16
CA LEU E 14 7.09 -24.45 -5.97
C LEU E 14 6.22 -24.45 -4.69
N LEU E 15 6.50 -23.57 -3.73
CA LEU E 15 5.70 -23.55 -2.52
C LEU E 15 4.21 -23.54 -2.87
N PRO E 16 3.78 -22.62 -3.76
CA PRO E 16 2.36 -22.59 -4.12
C PRO E 16 1.85 -23.96 -4.44
N GLU E 17 2.36 -24.54 -5.52
CA GLU E 17 1.92 -25.87 -5.91
C GLU E 17 2.13 -26.88 -4.78
N LEU E 18 3.07 -26.57 -3.89
CA LEU E 18 3.38 -27.47 -2.78
C LEU E 18 2.42 -27.38 -1.60
N LYS E 19 1.81 -26.21 -1.41
CA LYS E 19 0.86 -26.05 -0.32
C LYS E 19 -0.46 -26.73 -0.66
N SER E 20 -0.80 -26.71 -1.94
CA SER E 20 -2.03 -27.32 -2.41
C SER E 20 -2.14 -28.76 -1.94
N HIS E 21 -1.08 -29.30 -1.34
CA HIS E 21 -1.09 -30.70 -0.86
C HIS E 21 -0.90 -30.84 0.64
N PHE E 22 -0.51 -29.74 1.28
CA PHE E 22 -0.27 -29.77 2.72
C PHE E 22 -1.52 -30.17 3.49
N PRO E 23 -1.37 -31.09 4.46
CA PRO E 23 -2.44 -31.55 5.35
C PRO E 23 -2.59 -30.59 6.51
N LYS E 24 -3.37 -30.97 7.49
CA LYS E 24 -3.46 -30.10 8.64
C LYS E 24 -2.50 -30.53 9.72
N TYR E 25 -1.90 -29.57 10.42
CA TYR E 25 -0.92 -29.87 11.46
C TYR E 25 -0.97 -28.94 12.67
N ASN E 26 -0.46 -29.42 13.80
CA ASN E 26 -0.41 -28.62 15.02
C ASN E 26 0.96 -27.97 15.06
N ARG E 27 1.87 -28.53 14.26
CA ARG E 27 3.25 -28.05 14.12
C ARG E 27 3.72 -28.38 12.71
N PHE E 28 4.39 -27.42 12.05
CA PHE E 28 4.92 -27.66 10.72
C PHE E 28 6.40 -27.95 10.90
N VAL E 29 6.87 -29.08 10.41
CA VAL E 29 8.28 -29.38 10.55
C VAL E 29 9.00 -29.24 9.23
N ASP E 30 10.02 -28.40 9.20
CA ASP E 30 10.81 -28.20 7.98
C ASP E 30 12.14 -28.88 8.27
N LEU E 31 12.14 -30.20 8.13
CA LEU E 31 13.28 -31.07 8.41
C LEU E 31 14.61 -30.59 7.85
N PHE E 32 14.62 -30.26 6.58
CA PHE E 32 15.81 -29.75 5.89
C PHE E 32 15.39 -28.38 5.38
N CYS E 33 15.85 -27.35 6.07
CA CYS E 33 15.32 -26.04 5.75
C CYS E 33 16.24 -25.00 5.12
N GLY E 34 17.55 -25.12 5.19
CA GLY E 34 18.44 -24.12 4.57
C GLY E 34 17.87 -22.69 4.37
N GLY E 35 17.46 -22.39 3.14
CA GLY E 35 16.98 -21.05 2.75
C GLY E 35 15.79 -20.43 3.53
N LEU E 36 14.95 -21.26 4.14
CA LEU E 36 13.77 -20.80 4.86
C LEU E 36 12.70 -20.28 3.87
N SER E 37 12.80 -20.78 2.63
CA SER E 37 11.86 -20.45 1.55
C SER E 37 10.48 -20.95 1.97
N VAL E 38 10.47 -22.08 2.67
CA VAL E 38 9.25 -22.67 3.17
C VAL E 38 8.91 -22.10 4.55
N SER E 39 9.65 -22.46 5.58
CA SER E 39 9.38 -21.95 6.94
C SER E 39 8.83 -20.54 6.99
N LEU E 40 9.58 -19.56 6.50
CA LEU E 40 9.07 -18.19 6.54
C LEU E 40 7.68 -18.06 5.92
N ASN E 41 7.22 -19.11 5.21
CA ASN E 41 5.91 -18.93 4.52
C ASN E 41 4.88 -20.04 4.68
N VAL E 42 4.80 -20.63 5.87
CA VAL E 42 3.81 -21.64 6.16
C VAL E 42 3.13 -21.12 7.41
N ASN E 43 2.15 -21.87 7.92
CA ASN E 43 1.49 -21.43 9.14
C ASN E 43 2.16 -21.99 10.39
N GLY E 44 2.46 -21.08 11.33
CA GLY E 44 3.11 -21.47 12.58
C GLY E 44 2.27 -22.48 13.36
N PRO E 45 2.87 -23.22 14.29
CA PRO E 45 4.29 -23.15 14.68
C PRO E 45 5.18 -23.87 13.66
N VAL E 46 6.43 -23.46 13.56
CA VAL E 46 7.33 -24.09 12.62
C VAL E 46 8.64 -24.54 13.25
N LEU E 47 8.98 -25.82 13.04
CA LEU E 47 10.25 -26.32 13.55
C LEU E 47 11.16 -26.39 12.33
N ALA E 48 11.99 -25.37 12.16
CA ALA E 48 12.90 -25.31 11.04
C ALA E 48 14.22 -25.97 11.42
N ASN E 49 14.51 -27.11 10.80
CA ASN E 49 15.76 -27.82 11.10
C ASN E 49 16.67 -27.91 9.91
N ASP E 50 17.96 -27.80 10.20
CA ASP E 50 18.96 -27.97 9.19
C ASP E 50 20.20 -28.41 9.96
N ILE E 51 21.01 -29.23 9.32
CA ILE E 51 22.17 -29.75 9.99
C ILE E 51 23.27 -28.73 10.17
N GLN E 52 23.37 -27.77 9.24
CA GLN E 52 24.40 -26.73 9.30
C GLN E 52 24.20 -25.64 10.36
N GLU E 53 24.71 -25.93 11.56
CA GLU E 53 24.64 -25.02 12.69
C GLU E 53 25.05 -23.58 12.30
N PRO E 54 26.06 -23.43 11.45
CA PRO E 54 26.40 -22.05 11.12
C PRO E 54 25.19 -21.31 10.60
N ILE E 55 24.57 -21.82 9.55
CA ILE E 55 23.42 -21.14 8.98
C ILE E 55 22.27 -21.05 9.98
N ILE E 56 22.20 -22.01 10.89
CA ILE E 56 21.12 -21.99 11.89
C ILE E 56 21.41 -20.95 12.99
N GLU E 57 22.67 -20.79 13.37
CA GLU E 57 23.03 -19.81 14.41
C GLU E 57 22.88 -18.45 13.79
N MET E 58 23.19 -18.38 12.50
CA MET E 58 23.08 -17.13 11.77
C MET E 58 21.63 -16.61 11.86
N TYR E 59 20.68 -17.54 11.90
CA TYR E 59 19.27 -17.17 11.98
C TYR E 59 18.95 -16.75 13.39
N LYS E 60 19.32 -17.60 14.34
CA LYS E 60 19.08 -17.32 15.74
C LYS E 60 19.58 -15.90 15.98
N ARG E 61 20.73 -15.58 15.41
CA ARG E 61 21.31 -14.25 15.55
C ARG E 61 20.38 -13.24 14.92
N LEU E 62 20.39 -13.21 13.59
CA LEU E 62 19.58 -12.28 12.82
C LEU E 62 18.32 -11.78 13.51
N ILE E 63 17.69 -12.62 14.34
CA ILE E 63 16.46 -12.24 15.05
C ILE E 63 16.51 -10.86 15.69
N ASN E 64 17.69 -10.48 16.18
CA ASN E 64 17.81 -9.20 16.84
C ASN E 64 18.60 -8.14 16.10
N VAL E 65 19.24 -8.51 15.00
CA VAL E 65 19.97 -7.50 14.26
C VAL E 65 18.93 -6.63 13.54
N SER E 66 19.38 -5.52 12.97
CA SER E 66 18.51 -4.60 12.24
C SER E 66 19.19 -4.34 10.91
N TRP E 67 18.42 -3.90 9.93
CA TRP E 67 19.00 -3.66 8.62
C TRP E 67 20.20 -2.75 8.73
N ASP E 68 20.15 -1.83 9.71
CA ASP E 68 21.25 -0.91 9.92
C ASP E 68 22.40 -1.72 10.45
N ASP E 69 22.15 -2.55 11.45
CA ASP E 69 23.20 -3.40 12.00
C ASP E 69 23.97 -3.95 10.82
N VAL E 70 23.21 -4.50 9.89
CA VAL E 70 23.74 -5.09 8.68
C VAL E 70 24.56 -4.11 7.88
N LEU E 71 23.89 -3.05 7.41
CA LEU E 71 24.53 -2.02 6.60
C LEU E 71 25.83 -1.54 7.25
N LYS E 72 25.78 -1.36 8.56
CA LYS E 72 26.94 -0.93 9.32
C LYS E 72 28.12 -1.82 8.98
N VAL E 73 28.08 -3.08 9.40
CA VAL E 73 29.17 -4.03 9.13
C VAL E 73 29.72 -3.94 7.71
N ILE E 74 28.86 -3.59 6.76
CA ILE E 74 29.30 -3.48 5.37
C ILE E 74 30.17 -2.23 5.25
N LYS E 75 29.60 -1.09 5.62
CA LYS E 75 30.34 0.16 5.59
C LYS E 75 31.69 -0.10 6.30
N GLN E 76 31.62 -0.60 7.53
CA GLN E 76 32.82 -0.89 8.30
C GLN E 76 33.88 -1.74 7.55
N TYR E 77 33.45 -2.48 6.53
CA TYR E 77 34.41 -3.30 5.80
C TYR E 77 34.65 -2.72 4.43
N LYS E 78 33.85 -1.71 4.09
CA LYS E 78 33.92 -1.02 2.81
C LYS E 78 33.77 -2.03 1.67
N LEU E 79 32.81 -2.95 1.83
CA LEU E 79 32.57 -4.00 0.86
C LEU E 79 31.80 -3.57 -0.37
N SER E 80 32.14 -4.16 -1.52
CA SER E 80 31.40 -3.91 -2.75
C SER E 80 31.81 -4.76 -3.94
N LYS E 81 30.88 -4.86 -4.90
CA LYS E 81 31.03 -5.64 -6.12
C LYS E 81 32.44 -6.01 -6.55
N THR E 82 33.42 -5.14 -6.28
CA THR E 82 34.80 -5.44 -6.67
C THR E 82 35.79 -5.49 -5.51
N SER E 83 35.27 -5.41 -4.27
CA SER E 83 36.12 -5.44 -3.07
C SER E 83 36.57 -6.86 -2.67
N LYS E 84 37.54 -7.39 -3.41
CA LYS E 84 38.03 -8.74 -3.15
C LYS E 84 38.79 -8.95 -1.85
N GLU E 85 39.65 -8.01 -1.49
CA GLU E 85 40.44 -8.11 -0.26
C GLU E 85 39.63 -7.80 0.99
N GLU E 86 38.75 -6.81 0.85
CA GLU E 86 37.85 -6.39 1.93
C GLU E 86 37.04 -7.65 2.32
N PHE E 87 36.69 -8.42 1.30
CA PHE E 87 35.95 -9.67 1.44
C PHE E 87 36.80 -10.66 2.25
N LEU E 88 37.89 -11.09 1.64
CA LEU E 88 38.81 -12.01 2.27
C LEU E 88 39.05 -11.71 3.75
N LYS E 89 38.98 -10.44 4.14
CA LYS E 89 39.20 -10.06 5.55
C LYS E 89 38.00 -10.54 6.33
N LEU E 90 36.84 -10.01 5.94
CA LEU E 90 35.56 -10.36 6.56
C LEU E 90 35.47 -11.84 6.73
N ARG E 91 36.07 -12.58 5.80
CA ARG E 91 36.07 -14.02 5.89
C ARG E 91 36.89 -14.42 7.11
N GLU E 92 38.17 -14.09 7.09
CA GLU E 92 39.05 -14.41 8.19
C GLU E 92 38.37 -14.11 9.52
N ASP E 93 37.89 -12.88 9.65
CA ASP E 93 37.21 -12.47 10.87
C ASP E 93 36.12 -13.48 11.26
N TYR E 94 35.27 -13.88 10.30
CA TYR E 94 34.24 -14.83 10.64
C TYR E 94 34.90 -16.07 11.15
N ASN E 95 35.78 -16.61 10.31
CA ASN E 95 36.50 -17.83 10.65
C ASN E 95 37.08 -17.83 12.07
N LYS E 96 37.48 -16.66 12.56
CA LYS E 96 38.05 -16.54 13.88
C LYS E 96 37.01 -16.37 14.97
N THR E 97 36.21 -15.33 14.86
CA THR E 97 35.18 -15.04 15.85
C THR E 97 33.99 -16.00 15.81
N ARG E 98 33.66 -16.50 14.62
CA ARG E 98 32.52 -17.40 14.42
C ARG E 98 31.24 -16.62 14.78
N ASP E 99 31.31 -15.31 14.55
CA ASP E 99 30.23 -14.39 14.81
C ASP E 99 29.21 -14.44 13.68
N PRO E 100 28.08 -15.08 13.95
CA PRO E 100 26.95 -15.26 13.02
C PRO E 100 26.67 -14.07 12.09
N LEU E 101 26.50 -12.87 12.65
CA LEU E 101 26.20 -11.69 11.86
C LEU E 101 27.16 -11.51 10.68
N LEU E 102 28.43 -11.88 10.89
CA LEU E 102 29.43 -11.77 9.84
C LEU E 102 29.19 -12.77 8.71
N LEU E 103 28.79 -13.99 9.08
CA LEU E 103 28.47 -15.01 8.09
C LEU E 103 27.36 -14.44 7.18
N TYR E 104 26.36 -13.82 7.80
CA TYR E 104 25.26 -13.22 7.06
C TYR E 104 25.72 -12.21 5.99
N VAL E 105 26.77 -11.44 6.27
CA VAL E 105 27.28 -10.46 5.30
C VAL E 105 28.04 -11.20 4.21
N LEU E 106 28.94 -12.08 4.62
CA LEU E 106 29.71 -12.88 3.68
C LEU E 106 28.83 -13.51 2.58
N HIS E 107 27.80 -14.23 3.02
CA HIS E 107 26.89 -14.89 2.12
C HIS E 107 26.43 -13.97 0.98
N PHE E 108 26.55 -12.66 1.20
CA PHE E 108 26.17 -11.65 0.22
C PHE E 108 27.23 -11.38 -0.83
N HIS E 109 28.46 -11.80 -0.52
CA HIS E 109 29.60 -11.58 -1.40
C HIS E 109 30.24 -12.88 -1.93
N GLY E 110 29.71 -14.02 -1.51
CA GLY E 110 30.26 -15.28 -1.96
C GLY E 110 30.01 -15.63 -3.43
N PHE E 111 30.89 -16.45 -3.98
CA PHE E 111 30.76 -16.88 -5.36
C PHE E 111 29.43 -17.58 -5.46
N SER E 112 28.50 -16.93 -6.15
CA SER E 112 27.15 -17.45 -6.33
C SER E 112 26.42 -17.63 -5.02
N ASN E 113 26.69 -16.74 -4.08
CA ASN E 113 26.06 -16.76 -2.76
C ASN E 113 26.14 -18.11 -2.13
N MET E 114 27.19 -18.85 -2.42
CA MET E 114 27.31 -20.16 -1.84
C MET E 114 27.76 -20.01 -0.41
N ILE E 115 27.19 -20.81 0.49
CA ILE E 115 27.63 -20.76 1.87
C ILE E 115 28.26 -22.10 2.13
N ARG E 116 29.50 -22.26 1.69
CA ARG E 116 30.20 -23.51 1.88
C ARG E 116 31.10 -23.47 3.13
N ILE E 117 31.01 -24.51 3.96
CA ILE E 117 31.80 -24.57 5.18
C ILE E 117 32.54 -25.89 5.30
N ASN E 118 33.77 -25.87 5.82
CA ASN E 118 34.57 -27.10 5.90
C ASN E 118 34.58 -27.89 7.18
N ASP E 119 35.41 -28.92 7.17
CA ASP E 119 35.57 -29.79 8.33
C ASP E 119 35.77 -28.90 9.56
N LYS E 120 36.79 -28.05 9.52
CA LYS E 120 37.11 -27.15 10.64
C LYS E 120 36.02 -26.12 10.85
N GLY E 121 34.96 -26.19 10.05
CA GLY E 121 33.87 -25.26 10.19
C GLY E 121 34.16 -23.87 9.66
N ASN E 122 34.97 -23.77 8.62
CA ASN E 122 35.27 -22.45 8.11
C ASN E 122 34.59 -22.12 6.81
N PHE E 123 34.22 -20.85 6.68
CA PHE E 123 33.58 -20.34 5.47
C PHE E 123 34.70 -20.29 4.46
N THR E 124 34.55 -21.01 3.35
CA THR E 124 35.60 -21.04 2.33
C THR E 124 35.18 -20.65 0.93
N THR E 125 33.97 -20.16 0.79
CA THR E 125 33.53 -19.76 -0.53
C THR E 125 34.41 -18.63 -1.03
N PRO E 126 34.81 -18.67 -2.30
CA PRO E 126 35.65 -17.68 -2.99
C PRO E 126 34.84 -16.42 -3.15
N PHE E 127 35.50 -15.32 -3.49
CA PHE E 127 34.77 -14.08 -3.69
C PHE E 127 33.82 -14.25 -4.87
N GLY E 128 32.69 -13.54 -4.85
CA GLY E 128 31.71 -13.69 -5.92
C GLY E 128 31.45 -12.45 -6.76
N LYS E 129 32.32 -11.46 -6.60
CA LYS E 129 32.22 -10.20 -7.34
C LYS E 129 30.80 -9.65 -7.24
N ARG E 130 30.30 -9.58 -6.01
CA ARG E 130 28.95 -9.06 -5.78
C ARG E 130 28.80 -8.63 -4.35
N THR E 131 27.74 -7.89 -4.06
CA THR E 131 27.44 -7.41 -2.71
C THR E 131 25.93 -7.33 -2.63
N ILE E 132 25.41 -6.61 -1.65
CA ILE E 132 23.97 -6.52 -1.55
C ILE E 132 23.32 -5.77 -2.71
N ASN E 133 22.01 -5.91 -2.80
CA ASN E 133 21.21 -5.31 -3.84
C ASN E 133 19.75 -5.22 -3.36
N LYS E 134 18.87 -4.70 -4.22
CA LYS E 134 17.46 -4.56 -3.87
C LYS E 134 16.95 -5.70 -2.97
N ASN E 135 16.80 -6.90 -3.53
CA ASN E 135 16.30 -8.04 -2.78
C ASN E 135 16.95 -8.27 -1.42
N SER E 136 18.18 -7.82 -1.26
CA SER E 136 18.89 -8.02 0.00
C SER E 136 18.03 -7.68 1.21
N GLU E 137 17.55 -6.44 1.26
CA GLU E 137 16.72 -6.01 2.38
C GLU E 137 15.35 -6.62 2.38
N LYS E 138 14.81 -6.90 1.20
CA LYS E 138 13.50 -7.52 1.09
C LYS E 138 13.63 -8.87 1.76
N ARG E 139 14.64 -9.58 1.33
CA ARG E 139 14.89 -10.85 1.95
C ARG E 139 14.99 -10.58 3.43
N PHE E 140 15.92 -9.67 3.79
CA PHE E 140 16.18 -9.36 5.20
C PHE E 140 14.85 -9.14 6.01
N ASN E 141 14.05 -8.18 5.56
CA ASN E 141 12.75 -7.84 6.16
C ASN E 141 11.89 -9.07 6.30
N HIS E 142 11.47 -9.64 5.17
CA HIS E 142 10.61 -10.83 5.18
C HIS E 142 11.01 -11.84 6.28
N PHE E 143 12.30 -12.02 6.49
CA PHE E 143 12.73 -12.94 7.54
C PHE E 143 12.22 -12.47 8.87
N LYS E 144 12.63 -11.25 9.22
CA LYS E 144 12.26 -10.58 10.47
C LYS E 144 10.77 -10.43 10.75
N GLN E 145 9.94 -10.42 9.72
CA GLN E 145 8.53 -10.29 9.96
C GLN E 145 7.85 -11.65 10.15
N ASN E 146 8.55 -12.72 9.84
CA ASN E 146 7.93 -14.04 9.98
C ASN E 146 8.64 -15.05 10.89
N CYS E 147 9.93 -14.83 11.18
CA CYS E 147 10.70 -15.75 12.01
C CYS E 147 10.19 -16.01 13.41
N ASP E 148 9.30 -15.17 13.90
CA ASP E 148 8.80 -15.36 15.26
C ASP E 148 7.86 -16.54 15.35
N LYS E 149 7.44 -17.06 14.20
CA LYS E 149 6.55 -18.21 14.24
C LYS E 149 7.37 -19.48 14.01
N ILE E 150 8.69 -19.36 14.16
CA ILE E 150 9.63 -20.45 13.94
C ILE E 150 10.51 -20.79 15.12
N ILE E 151 10.86 -22.06 15.25
CA ILE E 151 11.80 -22.53 16.27
C ILE E 151 12.90 -23.19 15.43
N PHE E 152 14.14 -22.77 15.63
CA PHE E 152 15.25 -23.29 14.86
C PHE E 152 15.96 -24.50 15.44
N SER E 153 16.21 -25.48 14.60
CA SER E 153 16.86 -26.71 15.05
C SER E 153 18.01 -27.06 14.14
N SER E 154 19.10 -27.55 14.71
CA SER E 154 20.24 -27.90 13.90
C SER E 154 20.70 -29.31 14.21
N LEU E 155 19.85 -30.26 13.86
CA LEU E 155 20.13 -31.66 14.09
C LEU E 155 20.05 -32.49 12.82
N HIS E 156 20.68 -33.65 12.85
CA HIS E 156 20.64 -34.59 11.74
C HIS E 156 19.17 -34.96 11.68
N PHE E 157 18.54 -34.95 10.50
CA PHE E 157 17.12 -35.26 10.43
C PHE E 157 16.76 -36.45 11.33
N LYS E 158 17.62 -37.48 11.34
CA LYS E 158 17.38 -38.71 12.10
C LYS E 158 17.28 -38.51 13.62
N ASP E 159 17.26 -37.28 14.05
CA ASP E 159 17.14 -37.02 15.47
C ASP E 159 15.98 -36.10 15.76
N VAL E 160 15.71 -35.18 14.85
CA VAL E 160 14.59 -34.24 15.01
C VAL E 160 13.36 -34.96 15.44
N LYS E 161 13.16 -35.11 16.71
CA LYS E 161 12.01 -35.87 17.14
C LYS E 161 10.68 -35.32 16.65
N ILE E 162 9.92 -36.12 15.89
CA ILE E 162 8.63 -35.75 15.35
C ILE E 162 7.54 -36.11 16.35
N LEU E 163 6.67 -35.16 16.67
CA LEU E 163 5.56 -35.42 17.59
C LEU E 163 4.39 -35.91 16.78
N ASP E 164 3.44 -36.60 17.39
CA ASP E 164 2.25 -37.02 16.69
C ASP E 164 1.38 -35.77 16.54
N GLY E 165 0.98 -35.43 15.33
CA GLY E 165 0.14 -34.25 15.14
C GLY E 165 0.74 -33.11 14.33
N ASP E 166 2.02 -33.22 13.99
CA ASP E 166 2.67 -32.18 13.21
C ASP E 166 2.84 -32.73 11.81
N PHE E 167 3.10 -31.85 10.84
CA PHE E 167 3.33 -32.27 9.45
C PHE E 167 4.81 -32.11 9.09
N VAL E 168 5.42 -33.17 8.58
CA VAL E 168 6.83 -33.09 8.23
C VAL E 168 7.05 -32.80 6.75
N TYR E 169 7.84 -31.76 6.46
CA TYR E 169 8.18 -31.43 5.09
C TYR E 169 9.65 -31.70 4.77
N VAL E 170 9.86 -32.70 3.94
CA VAL E 170 11.20 -33.12 3.56
C VAL E 170 11.57 -32.64 2.17
N ASP E 171 12.76 -32.06 2.07
CA ASP E 171 13.36 -31.57 0.83
C ASP E 171 14.83 -31.63 1.08
N PRO E 172 15.38 -32.85 1.13
CA PRO E 172 16.81 -33.05 1.38
C PRO E 172 17.63 -32.99 0.10
N PRO E 173 18.93 -33.22 0.21
CA PRO E 173 19.71 -33.18 -1.02
C PRO E 173 19.25 -34.23 -2.02
N TYR E 174 19.19 -33.83 -3.28
CA TYR E 174 18.78 -34.74 -4.33
C TYR E 174 19.98 -35.57 -4.73
N LEU E 175 19.89 -36.89 -4.53
CA LEU E 175 21.00 -37.78 -4.87
C LEU E 175 21.60 -37.49 -6.23
N ILE E 176 20.83 -37.73 -7.29
CA ILE E 176 21.30 -37.51 -8.64
C ILE E 176 21.94 -36.15 -8.92
N THR E 177 21.47 -35.10 -8.25
CA THR E 177 22.03 -33.77 -8.47
C THR E 177 23.18 -33.53 -7.50
N VAL E 178 23.91 -32.41 -7.67
CA VAL E 178 25.05 -32.11 -6.80
C VAL E 178 25.22 -30.60 -6.45
N ALA E 179 24.70 -30.26 -5.29
CA ALA E 179 24.85 -28.95 -4.73
C ALA E 179 26.01 -29.10 -3.74
N ASP E 180 26.42 -28.04 -3.08
CA ASP E 180 27.50 -28.27 -2.15
C ASP E 180 27.10 -29.21 -1.03
N TYR E 181 26.00 -28.92 -0.36
CA TYR E 181 25.62 -29.73 0.81
C TYR E 181 25.38 -31.24 0.56
N ASN E 182 25.52 -31.71 -0.68
CA ASN E 182 25.35 -33.13 -0.90
C ASN E 182 26.49 -33.85 -0.21
N LYS E 183 27.37 -33.07 0.40
CA LYS E 183 28.51 -33.64 1.11
C LYS E 183 27.98 -34.31 2.37
N PHE E 184 26.76 -33.95 2.75
CA PHE E 184 26.13 -34.49 3.93
C PHE E 184 25.24 -35.64 3.51
N TRP E 185 25.21 -35.93 2.20
CA TRP E 185 24.35 -36.98 1.68
C TRP E 185 25.05 -38.19 1.08
N SER E 186 24.29 -39.29 1.02
CA SER E 186 24.73 -40.58 0.47
C SER E 186 23.48 -41.45 0.34
N GLU E 187 23.65 -42.62 -0.28
CA GLU E 187 22.54 -43.58 -0.45
C GLU E 187 22.13 -44.09 0.93
N ASP E 188 23.13 -44.35 1.76
CA ASP E 188 22.91 -44.81 3.12
C ASP E 188 22.00 -43.77 3.79
N GLU E 189 22.10 -42.52 3.35
CA GLU E 189 21.27 -41.46 3.93
C GLU E 189 19.88 -41.48 3.30
N GLU E 190 19.84 -41.65 1.98
CA GLU E 190 18.58 -41.71 1.27
C GLU E 190 17.77 -42.81 1.94
N LYS E 191 18.47 -43.90 2.29
CA LYS E 191 17.84 -45.04 2.94
C LYS E 191 17.20 -44.70 4.29
N ASP E 192 18.01 -44.31 5.27
CA ASP E 192 17.48 -43.97 6.61
C ASP E 192 16.33 -43.01 6.50
N LEU E 193 16.46 -42.02 5.62
CA LEU E 193 15.38 -41.06 5.44
C LEU E 193 14.12 -41.76 5.00
N LEU E 194 14.25 -42.57 3.95
CA LEU E 194 13.12 -43.31 3.41
C LEU E 194 12.53 -44.34 4.41
N ASN E 195 13.39 -45.06 5.12
CA ASN E 195 12.90 -46.02 6.09
C ASN E 195 12.16 -45.26 7.20
N LEU E 196 12.81 -44.27 7.81
CA LEU E 196 12.14 -43.50 8.86
C LEU E 196 10.90 -42.80 8.32
N LEU E 197 10.96 -42.39 7.05
CA LEU E 197 9.81 -41.73 6.47
C LEU E 197 8.66 -42.73 6.55
N ASP E 198 9.00 -44.01 6.46
CA ASP E 198 7.99 -45.06 6.56
C ASP E 198 7.45 -44.99 7.98
N SER E 199 8.34 -45.17 8.95
CA SER E 199 7.97 -45.11 10.37
C SER E 199 6.94 -44.03 10.66
N LEU E 200 7.21 -42.83 10.17
CA LEU E 200 6.29 -41.74 10.40
C LEU E 200 4.91 -42.06 9.86
N ASN E 201 4.83 -42.82 8.77
CA ASN E 201 3.54 -43.17 8.18
C ASN E 201 2.73 -44.12 9.07
N ASP E 202 3.40 -45.16 9.55
CA ASP E 202 2.81 -46.16 10.42
C ASP E 202 2.27 -45.50 11.69
N ARG E 203 2.94 -44.43 12.11
CA ARG E 203 2.52 -43.67 13.29
C ARG E 203 1.37 -42.72 12.90
N GLY E 204 0.87 -42.90 11.69
CA GLY E 204 -0.22 -42.08 11.21
C GLY E 204 0.17 -40.63 11.11
N ILE E 205 1.46 -40.38 10.87
CA ILE E 205 1.95 -39.01 10.76
C ILE E 205 2.20 -38.64 9.30
N LYS E 206 1.46 -37.63 8.84
CA LYS E 206 1.57 -37.16 7.45
C LYS E 206 2.94 -36.53 7.12
N PHE E 207 3.41 -36.80 5.90
CA PHE E 207 4.71 -36.28 5.47
C PHE E 207 4.70 -35.86 3.99
N GLY E 208 5.61 -34.95 3.65
CA GLY E 208 5.70 -34.49 2.27
C GLY E 208 7.16 -34.43 1.83
N LEU E 209 7.48 -35.10 0.73
CA LEU E 209 8.86 -35.11 0.26
C LEU E 209 9.10 -34.69 -1.19
N SER E 210 9.81 -33.58 -1.38
CA SER E 210 10.13 -33.09 -2.72
C SER E 210 11.51 -33.65 -3.09
N ASN E 211 11.68 -34.02 -4.36
CA ASN E 211 12.93 -34.63 -4.81
C ASN E 211 12.86 -34.84 -6.32
N VAL E 212 13.90 -35.36 -6.91
CA VAL E 212 13.88 -35.64 -8.35
C VAL E 212 14.13 -37.11 -8.56
N LEU E 213 13.35 -37.70 -9.47
CA LEU E 213 13.47 -39.12 -9.80
C LEU E 213 14.55 -39.30 -10.85
N GLU E 214 14.67 -38.30 -11.74
CA GLU E 214 15.66 -38.36 -12.79
C GLU E 214 16.26 -36.97 -13.09
N HIS E 215 17.61 -36.87 -13.10
CA HIS E 215 18.24 -35.61 -13.52
C HIS E 215 19.55 -35.87 -14.21
N HIS E 216 19.74 -35.11 -15.27
CA HIS E 216 20.98 -35.08 -16.03
C HIS E 216 21.47 -36.42 -16.50
N GLY E 217 20.61 -37.35 -16.78
CA GLY E 217 21.17 -38.60 -17.27
C GLY E 217 21.07 -39.77 -16.28
N LYS E 218 21.14 -39.56 -14.98
CA LYS E 218 20.97 -40.69 -14.07
C LYS E 218 19.57 -40.69 -13.47
N GLU E 219 19.30 -41.65 -12.58
CA GLU E 219 18.00 -41.79 -11.97
C GLU E 219 18.11 -42.36 -10.57
N ASN E 220 17.18 -41.94 -9.72
CA ASN E 220 17.13 -42.39 -8.34
C ASN E 220 16.14 -43.54 -8.28
N THR E 221 16.67 -44.74 -8.48
CA THR E 221 15.86 -45.93 -8.47
C THR E 221 15.35 -46.27 -7.07
N LEU E 222 16.25 -46.28 -6.08
CA LEU E 222 15.86 -46.60 -4.71
C LEU E 222 14.54 -45.93 -4.36
N LEU E 223 14.39 -44.65 -4.72
CA LEU E 223 13.14 -43.92 -4.41
C LEU E 223 12.12 -44.10 -5.53
N LYS E 224 12.61 -44.30 -6.75
CA LYS E 224 11.72 -44.51 -7.89
C LYS E 224 10.76 -45.66 -7.56
N GLU E 225 11.25 -46.65 -6.81
CA GLU E 225 10.46 -47.82 -6.38
C GLU E 225 9.71 -47.51 -5.07
N TRP E 226 10.46 -47.03 -4.08
CA TRP E 226 9.92 -46.68 -2.78
C TRP E 226 8.72 -45.72 -2.95
N SER E 227 8.83 -44.82 -3.94
CA SER E 227 7.81 -43.81 -4.25
C SER E 227 6.42 -44.36 -4.55
N LYS E 228 6.36 -45.65 -4.84
CA LYS E 228 5.10 -46.31 -5.17
C LYS E 228 4.22 -46.46 -3.93
N LYS E 229 4.81 -46.92 -2.83
CA LYS E 229 4.05 -47.12 -1.61
C LYS E 229 3.17 -45.93 -1.23
N TYR E 230 3.52 -44.75 -1.74
CA TYR E 230 2.82 -43.48 -1.46
C TYR E 230 2.45 -42.75 -2.75
N ASN E 231 1.93 -41.52 -2.62
CA ASN E 231 1.52 -40.71 -3.77
C ASN E 231 2.64 -40.16 -4.63
N VAL E 232 2.30 -39.15 -5.43
CA VAL E 232 3.27 -38.54 -6.34
C VAL E 232 2.55 -37.44 -7.11
N LYS E 233 3.26 -36.35 -7.40
CA LYS E 233 2.65 -35.25 -8.15
C LYS E 233 3.66 -34.56 -9.07
N HIS E 234 4.12 -35.30 -10.09
CA HIS E 234 5.09 -34.78 -11.05
C HIS E 234 4.92 -33.29 -11.35
N LEU E 235 6.03 -32.55 -11.32
CA LEU E 235 6.03 -31.10 -11.53
C LEU E 235 6.83 -30.55 -12.74
N ASN E 236 7.90 -31.24 -13.12
CA ASN E 236 8.71 -30.80 -14.25
C ASN E 236 7.90 -30.64 -15.53
N ASN E 250 17.74 -32.63 -20.96
CA ASN E 250 18.32 -32.34 -19.65
C ASN E 250 17.23 -32.48 -18.59
N GLY E 251 15.98 -32.36 -19.07
CA GLY E 251 14.80 -32.46 -18.21
C GLY E 251 14.94 -33.27 -16.93
N THR E 252 14.67 -32.61 -15.81
CA THR E 252 14.70 -33.27 -14.52
C THR E 252 13.24 -33.48 -14.11
N ASP E 253 12.93 -34.62 -13.52
CA ASP E 253 11.56 -34.87 -13.09
C ASP E 253 11.38 -34.44 -11.64
N GLU E 254 10.78 -33.28 -11.45
CA GLU E 254 10.52 -32.76 -10.11
C GLU E 254 9.22 -33.36 -9.60
N VAL E 255 9.29 -34.01 -8.45
CA VAL E 255 8.10 -34.64 -7.90
C VAL E 255 7.85 -34.30 -6.43
N TYR E 256 6.66 -34.63 -5.97
CA TYR E 256 6.28 -34.46 -4.59
C TYR E 256 5.65 -35.78 -4.16
N ILE E 257 6.42 -36.60 -3.45
CA ILE E 257 5.98 -37.89 -2.97
C ILE E 257 5.38 -37.61 -1.58
N PHE E 258 4.16 -38.06 -1.34
CA PHE E 258 3.51 -37.78 -0.05
C PHE E 258 2.37 -38.74 0.32
N ASN E 259 1.83 -38.53 1.51
CA ASN E 259 0.68 -39.30 1.97
C ASN E 259 -0.40 -38.28 2.40
N MET F 1 -6.98 -4.97 -42.15
CA MET F 1 -5.77 -5.83 -42.25
C MET F 1 -5.15 -5.90 -40.87
N LEU F 2 -6.02 -5.81 -39.86
CA LEU F 2 -5.65 -5.87 -38.46
C LEU F 2 -5.36 -7.29 -37.97
N GLY F 3 -4.57 -7.38 -36.91
CA GLY F 3 -4.29 -8.67 -36.31
C GLY F 3 -5.24 -8.80 -35.13
N ALA F 4 -5.52 -10.02 -34.69
CA ALA F 4 -6.42 -10.19 -33.56
C ALA F 4 -5.89 -9.52 -32.28
N ILE F 5 -4.57 -9.48 -32.14
CA ILE F 5 -3.96 -8.89 -30.97
C ILE F 5 -2.68 -8.22 -31.43
N ALA F 6 -2.19 -7.23 -30.71
CA ALA F 6 -0.94 -6.62 -31.15
C ALA F 6 0.05 -7.76 -31.00
N TYR F 7 1.03 -7.83 -31.89
CA TYR F 7 1.94 -8.94 -31.79
C TYR F 7 3.26 -8.65 -32.47
N THR F 8 4.30 -9.01 -31.75
CA THR F 8 5.64 -8.79 -32.19
C THR F 8 5.96 -9.66 -33.37
N GLY F 9 6.33 -9.00 -34.46
CA GLY F 9 6.67 -9.69 -35.66
C GLY F 9 5.53 -9.66 -36.65
N ASN F 10 4.35 -9.25 -36.18
CA ASN F 10 3.16 -9.19 -37.02
C ASN F 10 3.49 -8.67 -38.41
N LYS F 11 2.60 -8.91 -39.35
CA LYS F 11 2.85 -8.49 -40.73
C LYS F 11 1.79 -7.56 -41.33
N GLN F 12 0.84 -7.12 -40.53
CA GLN F 12 -0.22 -6.24 -41.05
C GLN F 12 0.14 -5.50 -42.32
N SER F 13 1.25 -4.77 -42.27
CA SER F 13 1.69 -3.98 -43.40
C SER F 13 2.14 -4.72 -44.65
N LEU F 14 3.03 -5.69 -44.51
CA LEU F 14 3.52 -6.43 -45.69
C LEU F 14 2.54 -7.42 -46.35
N LEU F 15 1.42 -7.73 -45.70
CA LEU F 15 0.48 -8.67 -46.30
C LEU F 15 0.21 -8.28 -47.75
N PRO F 16 -0.15 -6.99 -47.99
CA PRO F 16 -0.42 -6.56 -49.36
C PRO F 16 0.65 -7.05 -50.30
N GLU F 17 1.86 -6.53 -50.13
CA GLU F 17 2.95 -6.92 -50.99
C GLU F 17 3.18 -8.43 -50.93
N LEU F 18 2.73 -9.07 -49.86
CA LEU F 18 2.90 -10.50 -49.70
C LEU F 18 1.87 -11.36 -50.42
N LYS F 19 0.69 -10.81 -50.64
CA LYS F 19 -0.34 -11.54 -51.35
C LYS F 19 -0.04 -11.56 -52.85
N SER F 20 0.54 -10.46 -53.33
CA SER F 20 0.89 -10.34 -54.73
C SER F 20 1.71 -11.54 -55.20
N HIS F 21 2.13 -12.41 -54.28
CA HIS F 21 2.93 -13.58 -54.65
C HIS F 21 2.27 -14.92 -54.32
N PHE F 22 1.23 -14.85 -53.55
CA PHE F 22 0.53 -16.07 -53.16
C PHE F 22 -0.01 -16.84 -54.35
N PRO F 23 0.31 -18.14 -54.43
CA PRO F 23 -0.22 -19.03 -55.44
C PRO F 23 -1.67 -19.33 -55.06
N LYS F 24 -2.23 -20.30 -55.75
CA LYS F 24 -3.56 -20.78 -55.46
C LYS F 24 -3.38 -21.94 -54.47
N TYR F 25 -4.45 -22.20 -53.73
CA TYR F 25 -4.46 -23.27 -52.72
C TYR F 25 -5.87 -23.74 -52.34
N ASN F 26 -5.99 -24.97 -51.91
CA ASN F 26 -7.24 -25.53 -51.45
C ASN F 26 -7.33 -25.31 -49.95
N ARG F 27 -6.16 -25.04 -49.35
CA ARG F 27 -6.03 -24.74 -47.92
C ARG F 27 -4.84 -23.80 -47.73
N PHE F 28 -5.01 -22.78 -46.90
CA PHE F 28 -3.92 -21.84 -46.62
C PHE F 28 -3.33 -22.28 -45.29
N VAL F 29 -2.04 -22.53 -45.24
CA VAL F 29 -1.45 -22.93 -43.98
C VAL F 29 -0.60 -21.79 -43.42
N ASP F 30 -0.93 -21.35 -42.22
CA ASP F 30 -0.16 -20.30 -41.56
C ASP F 30 0.63 -21.02 -40.45
N LEU F 31 1.71 -21.66 -40.87
CA LEU F 31 2.58 -22.45 -40.03
C LEU F 31 2.93 -21.82 -38.69
N PHE F 32 3.38 -20.56 -38.71
CA PHE F 32 3.75 -19.76 -37.53
C PHE F 32 2.83 -18.55 -37.60
N CYS F 33 1.73 -18.51 -36.76
CA CYS F 33 0.75 -17.43 -36.89
C CYS F 33 0.65 -16.47 -35.72
N GLY F 34 1.00 -16.81 -34.52
CA GLY F 34 0.92 -15.78 -33.49
C GLY F 34 -0.21 -14.73 -33.66
N GLY F 35 0.15 -13.54 -34.13
CA GLY F 35 -0.81 -12.41 -34.25
C GLY F 35 -2.10 -12.62 -35.07
N LEU F 36 -2.06 -13.52 -36.05
CA LEU F 36 -3.20 -13.79 -36.96
C LEU F 36 -3.37 -12.62 -37.92
N SER F 37 -2.28 -11.88 -38.12
CA SER F 37 -2.23 -10.73 -39.04
C SER F 37 -2.53 -11.26 -40.44
N VAL F 38 -2.06 -12.48 -40.70
CA VAL F 38 -2.26 -13.12 -41.98
C VAL F 38 -3.56 -13.91 -41.94
N SER F 39 -3.61 -15.02 -41.21
CA SER F 39 -4.83 -15.83 -41.15
C SER F 39 -6.11 -15.02 -41.27
N LEU F 40 -6.38 -14.14 -40.32
CA LEU F 40 -7.61 -13.35 -40.38
C LEU F 40 -7.80 -12.65 -41.73
N ASN F 41 -6.77 -12.62 -42.57
CA ASN F 41 -6.89 -11.92 -43.83
C ASN F 41 -6.47 -12.59 -45.13
N VAL F 42 -6.71 -13.88 -45.23
CA VAL F 42 -6.40 -14.61 -46.45
C VAL F 42 -7.70 -15.31 -46.78
N ASN F 43 -7.72 -16.07 -47.87
CA ASN F 43 -8.93 -16.79 -48.23
C ASN F 43 -8.97 -18.17 -47.62
N GLY F 44 -10.10 -18.47 -46.95
CA GLY F 44 -10.31 -19.76 -46.30
C GLY F 44 -10.20 -20.91 -47.29
N PRO F 45 -9.98 -22.15 -46.82
CA PRO F 45 -9.82 -22.52 -45.41
C PRO F 45 -8.42 -22.15 -44.92
N VAL F 46 -8.29 -21.91 -43.62
CA VAL F 46 -6.99 -21.56 -43.08
C VAL F 46 -6.57 -22.42 -41.90
N LEU F 47 -5.37 -23.02 -41.98
CA LEU F 47 -4.87 -23.80 -40.86
C LEU F 47 -3.86 -22.90 -40.16
N ALA F 48 -4.29 -22.24 -39.08
CA ALA F 48 -3.41 -21.35 -38.35
C ALA F 48 -2.69 -22.12 -37.24
N ASN F 49 -1.38 -22.29 -37.39
CA ASN F 49 -0.62 -23.02 -36.38
C ASN F 49 0.40 -22.15 -35.67
N ASP F 50 0.55 -22.41 -34.39
CA ASP F 50 1.55 -21.74 -33.62
C ASP F 50 1.86 -22.70 -32.49
N ILE F 51 3.11 -22.72 -32.05
CA ILE F 51 3.50 -23.65 -31.03
C ILE F 51 2.96 -23.30 -29.66
N GLN F 52 2.77 -22.02 -29.40
CA GLN F 52 2.26 -21.54 -28.11
C GLN F 52 0.76 -21.79 -27.83
N GLU F 53 0.48 -22.97 -27.29
CA GLU F 53 -0.87 -23.38 -26.92
C GLU F 53 -1.62 -22.28 -26.15
N PRO F 54 -0.93 -21.56 -25.26
CA PRO F 54 -1.71 -20.54 -24.58
C PRO F 54 -2.40 -19.62 -25.56
N ILE F 55 -1.60 -18.99 -26.42
CA ILE F 55 -2.17 -18.06 -27.38
C ILE F 55 -3.15 -18.76 -28.33
N ILE F 56 -2.97 -20.05 -28.56
CA ILE F 56 -3.86 -20.76 -29.45
C ILE F 56 -5.18 -21.13 -28.76
N GLU F 57 -5.13 -21.40 -27.45
CA GLU F 57 -6.32 -21.74 -26.69
C GLU F 57 -7.08 -20.45 -26.50
N MET F 58 -6.32 -19.37 -26.36
CA MET F 58 -6.92 -18.06 -26.18
C MET F 58 -7.82 -17.74 -27.38
N TYR F 59 -7.43 -18.21 -28.56
CA TYR F 59 -8.22 -17.98 -29.77
C TYR F 59 -9.43 -18.88 -29.77
N LYS F 60 -9.17 -20.17 -29.57
CA LYS F 60 -10.23 -21.16 -29.53
C LYS F 60 -11.31 -20.58 -28.61
N ARG F 61 -10.87 -20.02 -27.49
CA ARG F 61 -11.79 -19.44 -26.53
C ARG F 61 -12.51 -18.28 -27.19
N LEU F 62 -11.81 -17.16 -27.32
CA LEU F 62 -12.36 -15.95 -27.91
C LEU F 62 -13.52 -16.15 -28.86
N ILE F 63 -13.53 -17.26 -29.61
CA ILE F 63 -14.60 -17.56 -30.57
C ILE F 63 -16.01 -17.31 -30.05
N ASN F 64 -16.21 -17.58 -28.76
CA ASN F 64 -17.51 -17.41 -28.16
C ASN F 64 -17.67 -16.26 -27.18
N VAL F 65 -16.57 -15.62 -26.83
CA VAL F 65 -16.71 -14.49 -25.93
C VAL F 65 -17.28 -13.33 -26.76
N SER F 66 -17.72 -12.27 -26.06
CA SER F 66 -18.28 -11.08 -26.69
C SER F 66 -17.53 -9.89 -26.14
N TRP F 67 -17.56 -8.79 -26.87
CA TRP F 67 -16.85 -7.60 -26.40
C TRP F 67 -17.25 -7.28 -24.97
N ASP F 68 -18.51 -7.56 -24.64
CA ASP F 68 -18.99 -7.30 -23.30
C ASP F 68 -18.28 -8.26 -22.38
N ASP F 69 -18.29 -9.54 -22.76
CA ASP F 69 -17.62 -10.54 -21.96
C ASP F 69 -16.30 -9.93 -21.53
N VAL F 70 -15.60 -9.43 -22.53
CA VAL F 70 -14.30 -8.80 -22.35
C VAL F 70 -14.36 -7.64 -21.38
N LEU F 71 -15.13 -6.62 -21.75
CA LEU F 71 -15.27 -5.42 -20.92
C LEU F 71 -15.58 -5.78 -19.48
N LYS F 72 -16.46 -6.77 -19.31
CA LYS F 72 -16.84 -7.22 -17.98
C LYS F 72 -15.61 -7.52 -17.17
N VAL F 73 -14.86 -8.55 -17.55
CA VAL F 73 -13.65 -8.95 -16.82
C VAL F 73 -12.76 -7.76 -16.43
N ILE F 74 -12.77 -6.73 -17.26
CA ILE F 74 -11.96 -5.55 -16.99
C ILE F 74 -12.58 -4.81 -15.81
N LYS F 75 -13.84 -4.43 -15.97
CA LYS F 75 -14.57 -3.76 -14.90
C LYS F 75 -14.35 -4.57 -13.61
N GLN F 76 -14.62 -5.87 -13.68
CA GLN F 76 -14.46 -6.75 -12.53
C GLN F 76 -13.07 -6.70 -11.89
N TYR F 77 -12.07 -6.25 -12.62
CA TYR F 77 -10.73 -6.17 -12.06
C TYR F 77 -10.33 -4.72 -11.83
N LYS F 78 -11.17 -3.83 -12.33
CA LYS F 78 -10.96 -2.38 -12.21
C LYS F 78 -9.59 -2.01 -12.78
N LEU F 79 -9.28 -2.59 -13.94
CA LEU F 79 -8.00 -2.37 -14.58
C LEU F 79 -7.91 -1.07 -15.33
N SER F 80 -6.71 -0.47 -15.34
CA SER F 80 -6.46 0.73 -16.12
C SER F 80 -5.02 1.19 -16.13
N LYS F 81 -4.70 1.99 -17.15
CA LYS F 81 -3.38 2.56 -17.40
C LYS F 81 -2.41 2.59 -16.23
N THR F 82 -2.93 2.79 -15.02
CA THR F 82 -2.06 2.85 -13.85
C THR F 82 -2.36 1.81 -12.78
N SER F 83 -3.26 0.87 -13.09
CA SER F 83 -3.63 -0.18 -12.15
C SER F 83 -2.62 -1.35 -12.08
N LYS F 84 -1.49 -1.11 -11.43
CA LYS F 84 -0.44 -2.12 -11.33
C LYS F 84 -0.78 -3.38 -10.52
N GLU F 85 -1.42 -3.21 -9.37
CA GLU F 85 -1.78 -4.33 -8.50
C GLU F 85 -2.95 -5.12 -9.01
N GLU F 86 -3.91 -4.40 -9.60
CA GLU F 86 -5.12 -4.99 -10.19
C GLU F 86 -4.63 -5.95 -11.29
N PHE F 87 -3.57 -5.53 -11.98
CA PHE F 87 -2.91 -6.29 -13.03
C PHE F 87 -2.34 -7.58 -12.41
N LEU F 88 -1.33 -7.39 -11.57
CA LEU F 88 -0.69 -8.49 -10.88
C LEU F 88 -1.65 -9.55 -10.38
N LYS F 89 -2.88 -9.16 -10.05
CA LYS F 89 -3.88 -10.13 -9.56
C LYS F 89 -4.33 -10.95 -10.75
N LEU F 90 -4.88 -10.25 -11.74
CA LEU F 90 -5.35 -10.87 -12.96
C LEU F 90 -4.32 -11.83 -13.49
N ARG F 91 -3.06 -11.51 -13.24
CA ARG F 91 -1.99 -12.40 -13.66
C ARG F 91 -2.12 -13.70 -12.86
N GLU F 92 -1.94 -13.58 -11.56
CA GLU F 92 -2.02 -14.74 -10.67
C GLU F 92 -3.19 -15.61 -11.07
N ASP F 93 -4.37 -15.00 -11.13
CA ASP F 93 -5.58 -15.71 -11.52
C ASP F 93 -5.37 -16.52 -12.81
N TYR F 94 -4.80 -15.90 -13.84
CA TYR F 94 -4.59 -16.64 -15.06
C TYR F 94 -3.71 -17.80 -14.73
N ASN F 95 -2.55 -17.49 -14.17
CA ASN F 95 -1.58 -18.50 -13.81
C ASN F 95 -2.17 -19.71 -13.09
N LYS F 96 -3.20 -19.47 -12.29
CA LYS F 96 -3.85 -20.55 -11.54
C LYS F 96 -4.91 -21.28 -12.37
N THR F 97 -5.92 -20.55 -12.81
CA THR F 97 -7.01 -21.13 -13.60
C THR F 97 -6.63 -21.54 -15.02
N ARG F 98 -5.67 -20.81 -15.61
CA ARG F 98 -5.23 -21.08 -16.99
C ARG F 98 -6.44 -20.85 -17.92
N ASP F 99 -7.29 -19.92 -17.50
CA ASP F 99 -8.50 -19.53 -18.21
C ASP F 99 -8.15 -18.55 -19.33
N PRO F 100 -8.15 -19.06 -20.57
CA PRO F 100 -7.85 -18.33 -21.79
C PRO F 100 -8.35 -16.87 -21.84
N LEU F 101 -9.63 -16.65 -21.53
CA LEU F 101 -10.21 -15.30 -21.57
C LEU F 101 -9.38 -14.29 -20.76
N LEU F 102 -8.82 -14.74 -19.64
CA LEU F 102 -8.00 -13.89 -18.79
C LEU F 102 -6.68 -13.52 -19.47
N LEU F 103 -6.08 -14.48 -20.16
CA LEU F 103 -4.84 -14.22 -20.88
C LEU F 103 -5.13 -13.10 -21.88
N TYR F 104 -6.28 -13.18 -22.56
CA TYR F 104 -6.69 -12.16 -23.52
C TYR F 104 -6.72 -10.74 -22.93
N VAL F 105 -7.12 -10.60 -21.66
CA VAL F 105 -7.16 -9.28 -21.02
C VAL F 105 -5.75 -8.85 -20.67
N LEU F 106 -5.03 -9.72 -19.98
CA LEU F 106 -3.64 -9.47 -19.61
C LEU F 106 -2.83 -8.86 -20.77
N HIS F 107 -2.84 -9.55 -21.90
CA HIS F 107 -2.12 -9.12 -23.08
C HIS F 107 -2.35 -7.63 -23.40
N PHE F 108 -3.44 -7.09 -22.84
CA PHE F 108 -3.81 -5.69 -23.05
C PHE F 108 -3.07 -4.75 -22.08
N HIS F 109 -2.58 -5.33 -20.99
CA HIS F 109 -1.89 -4.57 -19.96
C HIS F 109 -0.39 -4.92 -19.81
N GLY F 110 0.10 -5.86 -20.61
CA GLY F 110 1.50 -6.23 -20.50
C GLY F 110 2.49 -5.21 -21.02
N PHE F 111 3.71 -5.28 -20.50
CA PHE F 111 4.78 -4.37 -20.92
C PHE F 111 4.96 -4.58 -22.41
N SER F 112 4.54 -3.60 -23.17
CA SER F 112 4.62 -3.64 -24.63
C SER F 112 3.83 -4.79 -25.22
N ASN F 113 2.69 -5.06 -24.60
CA ASN F 113 1.77 -6.11 -25.03
C ASN F 113 2.47 -7.41 -25.27
N MET F 114 3.54 -7.64 -24.54
CA MET F 114 4.27 -8.87 -24.73
C MET F 114 3.51 -10.01 -24.08
N ILE F 115 3.42 -11.14 -24.76
CA ILE F 115 2.76 -12.29 -24.17
C ILE F 115 3.84 -13.31 -23.90
N ARG F 116 4.62 -13.11 -22.86
CA ARG F 116 5.68 -14.04 -22.52
C ARG F 116 5.23 -15.11 -21.52
N ILE F 117 5.58 -16.37 -21.80
CA ILE F 117 5.20 -17.47 -20.92
C ILE F 117 6.40 -18.36 -20.61
N ASN F 118 6.49 -18.83 -19.37
CA ASN F 118 7.64 -19.64 -18.96
C ASN F 118 7.53 -21.14 -19.02
N ASP F 119 8.60 -21.79 -18.55
CA ASP F 119 8.67 -23.24 -18.54
C ASP F 119 7.36 -23.78 -17.95
N LYS F 120 7.04 -23.35 -16.72
CA LYS F 120 5.83 -23.79 -16.02
C LYS F 120 4.58 -23.31 -16.75
N GLY F 121 4.76 -22.60 -17.84
CA GLY F 121 3.62 -22.10 -18.59
C GLY F 121 2.92 -20.93 -17.95
N ASN F 122 3.67 -20.07 -17.27
CA ASN F 122 3.03 -18.93 -16.65
C ASN F 122 3.28 -17.61 -17.35
N PHE F 123 2.26 -16.76 -17.34
CA PHE F 123 2.34 -15.44 -17.93
C PHE F 123 3.20 -14.64 -16.98
N THR F 124 4.32 -14.13 -17.47
CA THR F 124 5.25 -13.38 -16.62
C THR F 124 5.61 -11.98 -17.10
N THR F 125 4.91 -11.49 -18.10
CA THR F 125 5.20 -10.16 -18.57
C THR F 125 4.86 -9.18 -17.45
N PRO F 126 5.73 -8.18 -17.25
CA PRO F 126 5.60 -7.12 -16.25
C PRO F 126 4.48 -6.21 -16.66
N PHE F 127 4.01 -5.40 -15.74
CA PHE F 127 2.93 -4.47 -16.08
C PHE F 127 3.44 -3.53 -17.18
N GLY F 128 2.54 -3.03 -18.02
CA GLY F 128 2.95 -2.17 -19.12
C GLY F 128 2.36 -0.78 -19.12
N LYS F 129 1.80 -0.40 -17.97
CA LYS F 129 1.18 0.91 -17.80
C LYS F 129 0.27 1.24 -18.96
N ARG F 130 -0.64 0.33 -19.26
CA ARG F 130 -1.59 0.54 -20.36
C ARG F 130 -2.77 -0.39 -20.18
N THR F 131 -3.82 -0.15 -20.94
CA THR F 131 -5.03 -0.97 -20.91
C THR F 131 -5.62 -0.88 -22.30
N ILE F 132 -6.87 -1.27 -22.47
CA ILE F 132 -7.46 -1.21 -23.79
C ILE F 132 -7.59 0.21 -24.32
N ASN F 133 -7.84 0.30 -25.62
CA ASN F 133 -8.00 1.56 -26.32
C ASN F 133 -8.80 1.33 -27.61
N LYS F 134 -8.98 2.38 -28.40
CA LYS F 134 -9.72 2.28 -29.65
C LYS F 134 -9.52 0.93 -30.36
N ASN F 135 -8.32 0.73 -30.92
CA ASN F 135 -8.01 -0.50 -31.64
C ASN F 135 -8.39 -1.79 -30.93
N SER F 136 -8.43 -1.76 -29.60
CA SER F 136 -8.75 -2.95 -28.83
C SER F 136 -9.95 -3.68 -29.41
N GLU F 137 -11.09 -2.99 -29.47
CA GLU F 137 -12.30 -3.63 -30.00
C GLU F 137 -12.24 -3.87 -31.48
N LYS F 138 -11.56 -3.00 -32.22
CA LYS F 138 -11.44 -3.18 -33.65
C LYS F 138 -10.74 -4.51 -33.85
N ARG F 139 -9.64 -4.68 -33.16
CA ARG F 139 -8.96 -5.95 -33.25
C ARG F 139 -9.91 -7.05 -32.83
N PHE F 140 -10.49 -6.85 -31.69
CA PHE F 140 -11.44 -7.82 -31.19
C PHE F 140 -12.49 -8.27 -32.28
N ASN F 141 -13.23 -7.28 -32.80
CA ASN F 141 -14.23 -7.49 -33.85
C ASN F 141 -13.62 -8.25 -35.01
N HIS F 142 -12.71 -7.61 -35.74
CA HIS F 142 -12.06 -8.22 -36.89
C HIS F 142 -11.76 -9.70 -36.68
N PHE F 143 -11.36 -10.08 -35.48
CA PHE F 143 -11.08 -11.48 -35.22
C PHE F 143 -12.34 -12.29 -35.41
N LYS F 144 -13.35 -11.91 -34.61
CA LYS F 144 -14.66 -12.54 -34.61
C LYS F 144 -15.41 -12.58 -35.96
N GLN F 145 -15.12 -11.66 -36.85
CA GLN F 145 -15.78 -11.70 -38.12
C GLN F 145 -15.05 -12.56 -39.15
N ASN F 146 -13.81 -12.96 -38.84
CA ASN F 146 -13.07 -13.76 -39.80
C ASN F 146 -12.57 -15.13 -39.32
N CYS F 147 -12.52 -15.34 -38.01
CA CYS F 147 -12.02 -16.61 -37.46
C CYS F 147 -12.75 -17.88 -37.85
N ASP F 148 -13.96 -17.75 -38.37
CA ASP F 148 -14.73 -18.93 -38.73
C ASP F 148 -14.16 -19.59 -39.98
N LYS F 149 -13.25 -18.91 -40.66
CA LYS F 149 -12.66 -19.54 -41.84
C LYS F 149 -11.29 -20.12 -41.48
N ILE F 150 -11.07 -20.29 -40.17
CA ILE F 150 -9.81 -20.77 -39.63
C ILE F 150 -9.93 -22.00 -38.76
N ILE F 151 -8.91 -22.85 -38.79
CA ILE F 151 -8.80 -24.02 -37.92
C ILE F 151 -7.49 -23.76 -37.18
N PHE F 152 -7.53 -23.79 -35.85
CA PHE F 152 -6.35 -23.52 -35.05
C PHE F 152 -5.53 -24.73 -34.66
N SER F 153 -4.22 -24.60 -34.80
CA SER F 153 -3.32 -25.69 -34.49
C SER F 153 -2.16 -25.22 -33.64
N SER F 154 -1.78 -26.04 -32.67
CA SER F 154 -0.69 -25.65 -31.80
C SER F 154 0.38 -26.72 -31.76
N LEU F 155 1.01 -26.93 -32.90
CA LEU F 155 2.07 -27.92 -33.01
C LEU F 155 3.38 -27.33 -33.49
N HIS F 156 4.46 -28.08 -33.24
CA HIS F 156 5.78 -27.69 -33.69
C HIS F 156 5.63 -27.74 -35.20
N PHE F 157 6.09 -26.71 -35.92
CA PHE F 157 5.92 -26.75 -37.38
C PHE F 157 6.23 -28.12 -37.97
N LYS F 158 7.27 -28.78 -37.45
CA LYS F 158 7.68 -30.08 -37.97
C LYS F 158 6.63 -31.18 -37.73
N ASP F 159 5.41 -30.81 -37.28
CA ASP F 159 4.37 -31.83 -37.02
C ASP F 159 3.08 -31.50 -37.70
N VAL F 160 2.92 -30.22 -38.05
CA VAL F 160 1.76 -29.93 -38.84
C VAL F 160 1.97 -30.77 -40.06
N LYS F 161 0.99 -31.53 -40.47
CA LYS F 161 1.13 -32.28 -41.70
C LYS F 161 0.53 -31.43 -42.80
N ILE F 162 1.32 -31.26 -43.83
CA ILE F 162 0.91 -30.47 -44.97
C ILE F 162 0.26 -31.41 -45.99
N LEU F 163 -0.91 -31.07 -46.49
CA LEU F 163 -1.56 -31.91 -47.50
C LEU F 163 -1.09 -31.43 -48.86
N ASP F 164 -1.27 -32.25 -49.88
CA ASP F 164 -0.88 -31.83 -51.23
C ASP F 164 -2.04 -30.94 -51.70
N GLY F 165 -1.74 -29.73 -52.15
CA GLY F 165 -2.80 -28.84 -52.60
C GLY F 165 -3.05 -27.58 -51.79
N ASP F 166 -2.37 -27.45 -50.66
CA ASP F 166 -2.54 -26.27 -49.82
C ASP F 166 -1.29 -25.43 -50.00
N PHE F 167 -1.35 -24.16 -49.60
CA PHE F 167 -0.19 -23.26 -49.66
C PHE F 167 0.36 -22.99 -48.26
N VAL F 168 1.65 -23.20 -48.08
CA VAL F 168 2.22 -22.97 -46.77
C VAL F 168 2.88 -21.61 -46.66
N TYR F 169 2.51 -20.85 -45.63
CA TYR F 169 3.12 -19.56 -45.37
C TYR F 169 3.95 -19.55 -44.09
N VAL F 170 5.27 -19.46 -44.28
CA VAL F 170 6.22 -19.46 -43.19
C VAL F 170 6.74 -18.09 -42.87
N ASP F 171 6.71 -17.76 -41.59
CA ASP F 171 7.20 -16.51 -41.02
C ASP F 171 7.59 -16.85 -39.61
N PRO F 172 8.65 -17.62 -39.45
CA PRO F 172 9.13 -18.03 -38.13
C PRO F 172 10.05 -17.01 -37.49
N PRO F 173 10.58 -17.31 -36.32
CA PRO F 173 11.47 -16.34 -35.72
C PRO F 173 12.68 -16.07 -36.60
N TYR F 174 13.05 -14.80 -36.67
CA TYR F 174 14.20 -14.40 -37.46
C TYR F 174 15.45 -14.63 -36.62
N LEU F 175 16.31 -15.56 -37.05
CA LEU F 175 17.55 -15.85 -36.32
C LEU F 175 18.26 -14.59 -35.84
N ILE F 176 18.78 -13.82 -36.77
CA ILE F 176 19.52 -12.61 -36.43
C ILE F 176 18.82 -11.66 -35.46
N THR F 177 17.50 -11.61 -35.51
CA THR F 177 16.77 -10.72 -34.61
C THR F 177 16.41 -11.45 -33.32
N VAL F 178 15.88 -10.71 -32.34
CA VAL F 178 15.49 -11.31 -31.06
C VAL F 178 14.22 -10.77 -30.38
N ALA F 179 13.14 -11.45 -30.65
CA ALA F 179 11.84 -11.20 -30.05
C ALA F 179 11.81 -12.21 -28.90
N ASP F 180 10.77 -12.21 -28.09
CA ASP F 180 10.75 -13.18 -27.01
C ASP F 180 10.72 -14.62 -27.52
N TYR F 181 9.77 -14.93 -28.39
CA TYR F 181 9.66 -16.31 -28.88
C TYR F 181 10.86 -16.94 -29.57
N ASN F 182 11.96 -16.21 -29.73
CA ASN F 182 13.13 -16.82 -30.34
C ASN F 182 13.67 -17.86 -29.39
N LYS F 183 13.00 -17.99 -28.25
CA LYS F 183 13.39 -18.98 -27.26
C LYS F 183 13.03 -20.35 -27.80
N PHE F 184 12.17 -20.36 -28.81
CA PHE F 184 11.74 -21.59 -29.43
C PHE F 184 12.58 -21.84 -30.66
N TRP F 185 13.51 -20.92 -30.93
CA TRP F 185 14.34 -21.01 -32.13
C TRP F 185 15.82 -21.27 -31.90
N SER F 186 16.48 -21.78 -32.94
CA SER F 186 17.91 -22.08 -32.98
C SER F 186 18.28 -22.36 -34.43
N GLU F 187 19.58 -22.53 -34.69
CA GLU F 187 20.07 -22.83 -36.04
C GLU F 187 19.56 -24.22 -36.42
N ASP F 188 19.62 -25.14 -35.46
CA ASP F 188 19.15 -26.50 -35.64
C ASP F 188 17.69 -26.42 -36.12
N GLU F 189 17.00 -25.35 -35.70
CA GLU F 189 15.61 -25.16 -36.10
C GLU F 189 15.54 -24.56 -37.49
N GLU F 190 16.38 -23.56 -37.74
CA GLU F 190 16.42 -22.93 -39.04
C GLU F 190 16.64 -24.06 -40.05
N LYS F 191 17.48 -25.00 -39.67
CA LYS F 191 17.81 -26.14 -40.53
C LYS F 191 16.60 -27.01 -40.87
N ASP F 192 16.02 -27.68 -39.87
CA ASP F 192 14.87 -28.54 -40.12
C ASP F 192 13.83 -27.82 -40.95
N LEU F 193 13.59 -26.55 -40.63
CA LEU F 193 12.60 -25.78 -41.36
C LEU F 193 12.99 -25.71 -42.82
N LEU F 194 14.24 -25.31 -43.07
CA LEU F 194 14.76 -25.20 -44.43
C LEU F 194 14.82 -26.55 -45.16
N ASN F 195 15.24 -27.61 -44.48
CA ASN F 195 15.29 -28.91 -45.11
C ASN F 195 13.87 -29.33 -45.46
N LEU F 196 12.97 -29.35 -44.47
CA LEU F 196 11.59 -29.73 -44.75
C LEU F 196 10.96 -28.79 -45.78
N LEU F 197 11.36 -27.53 -45.76
CA LEU F 197 10.80 -26.62 -46.73
C LEU F 197 11.17 -27.16 -48.10
N ASP F 198 12.31 -27.83 -48.17
CA ASP F 198 12.76 -28.43 -49.43
C ASP F 198 11.75 -29.51 -49.77
N SER F 199 11.62 -30.48 -48.87
CA SER F 199 10.69 -31.60 -49.02
C SER F 199 9.37 -31.14 -49.62
N LEU F 200 8.81 -30.08 -49.07
CA LEU F 200 7.55 -29.60 -49.58
C LEU F 200 7.64 -29.23 -51.05
N ASN F 201 8.81 -28.76 -51.49
CA ASN F 201 8.99 -28.38 -52.89
C ASN F 201 8.99 -29.58 -53.83
N ASP F 202 9.72 -30.61 -53.44
CA ASP F 202 9.83 -31.86 -54.19
C ASP F 202 8.44 -32.48 -54.35
N ARG F 203 7.59 -32.27 -53.33
CA ARG F 203 6.23 -32.77 -53.36
C ARG F 203 5.36 -31.84 -54.20
N GLY F 204 6.03 -30.91 -54.88
CA GLY F 204 5.32 -29.98 -55.73
C GLY F 204 4.36 -29.11 -54.95
N ILE F 205 4.70 -28.89 -53.68
CA ILE F 205 3.87 -28.05 -52.81
C ILE F 205 4.46 -26.66 -52.65
N LYS F 206 3.73 -25.65 -53.11
CA LYS F 206 4.17 -24.26 -53.04
C LYS F 206 4.31 -23.73 -51.59
N PHE F 207 5.35 -22.93 -51.36
CA PHE F 207 5.57 -22.35 -50.05
C PHE F 207 6.05 -20.88 -50.09
N GLY F 208 5.82 -20.17 -49.00
CA GLY F 208 6.23 -18.77 -48.93
C GLY F 208 6.89 -18.47 -47.60
N LEU F 209 8.12 -17.97 -47.63
CA LEU F 209 8.83 -17.69 -46.39
C LEU F 209 9.38 -16.29 -46.22
N SER F 210 8.86 -15.55 -45.24
CA SER F 210 9.32 -14.21 -44.95
C SER F 210 10.39 -14.30 -43.86
N ASN F 211 11.43 -13.47 -43.96
CA ASN F 211 12.54 -13.54 -43.02
C ASN F 211 13.51 -12.41 -43.35
N VAL F 212 14.57 -12.26 -42.57
CA VAL F 212 15.58 -11.24 -42.86
C VAL F 212 16.91 -11.91 -43.10
N LEU F 213 17.63 -11.43 -44.12
CA LEU F 213 18.93 -11.98 -44.46
C LEU F 213 20.01 -11.30 -43.62
N GLU F 214 19.78 -10.02 -43.32
CA GLU F 214 20.70 -9.22 -42.51
C GLU F 214 19.97 -8.22 -41.65
N HIS F 215 20.32 -8.12 -40.38
CA HIS F 215 19.70 -7.14 -39.50
C HIS F 215 20.62 -6.75 -38.37
N HIS F 216 20.83 -5.45 -38.18
CA HIS F 216 21.55 -5.07 -36.95
C HIS F 216 22.96 -5.65 -36.72
N GLY F 217 23.77 -5.85 -37.70
CA GLY F 217 25.06 -6.40 -37.30
C GLY F 217 25.30 -7.78 -37.89
N LYS F 218 24.58 -8.81 -37.49
CA LYS F 218 24.81 -10.15 -38.06
C LYS F 218 23.93 -10.48 -39.27
N GLU F 219 24.34 -11.54 -39.99
CA GLU F 219 23.66 -12.03 -41.19
C GLU F 219 23.33 -13.51 -41.12
N ASN F 220 22.23 -13.91 -41.74
CA ASN F 220 21.81 -15.31 -41.79
C ASN F 220 22.36 -15.92 -43.07
N THR F 221 23.55 -16.48 -42.95
CA THR F 221 24.21 -17.10 -44.08
C THR F 221 23.54 -18.40 -44.48
N LEU F 222 23.27 -19.28 -43.50
CA LEU F 222 22.64 -20.56 -43.80
C LEU F 222 21.53 -20.38 -44.82
N LEU F 223 20.67 -19.37 -44.62
CA LEU F 223 19.56 -19.11 -45.54
C LEU F 223 20.02 -18.23 -46.70
N LYS F 224 21.00 -17.38 -46.45
CA LYS F 224 21.52 -16.50 -47.50
C LYS F 224 21.91 -17.36 -48.71
N GLU F 225 22.41 -18.57 -48.45
CA GLU F 225 22.82 -19.50 -49.51
C GLU F 225 21.62 -20.35 -49.95
N TRP F 226 20.95 -20.95 -48.98
CA TRP F 226 19.77 -21.77 -49.22
C TRP F 226 18.75 -21.00 -50.09
N SER F 227 18.64 -19.70 -49.83
CA SER F 227 17.72 -18.81 -50.53
C SER F 227 17.88 -18.78 -52.05
N LYS F 228 19.03 -19.26 -52.53
CA LYS F 228 19.32 -19.27 -53.96
C LYS F 228 18.46 -20.30 -54.69
N LYS F 229 18.39 -21.52 -54.16
CA LYS F 229 17.62 -22.58 -54.79
C LYS F 229 16.21 -22.15 -55.22
N TYR F 230 15.69 -21.10 -54.59
CA TYR F 230 14.35 -20.56 -54.85
C TYR F 230 14.38 -19.06 -55.14
N ASN F 231 13.20 -18.45 -55.22
CA ASN F 231 13.08 -17.02 -55.52
C ASN F 231 13.49 -16.07 -54.39
N VAL F 232 13.05 -14.81 -54.52
CA VAL F 232 13.39 -13.79 -53.54
C VAL F 232 12.72 -12.49 -53.98
N LYS F 233 12.28 -11.68 -53.03
CA LYS F 233 11.66 -10.40 -53.36
C LYS F 233 11.95 -9.33 -52.31
N HIS F 234 13.21 -8.93 -52.22
CA HIS F 234 13.67 -7.92 -51.25
C HIS F 234 12.64 -6.81 -50.99
N LEU F 235 12.40 -6.52 -49.71
CA LEU F 235 11.40 -5.54 -49.30
C LEU F 235 11.89 -4.29 -48.52
N ASN F 236 12.98 -4.43 -47.78
CA ASN F 236 13.52 -3.32 -47.03
C ASN F 236 13.83 -2.12 -47.90
N ASN F 250 21.47 0.54 -39.84
CA ASN F 250 20.71 -0.41 -39.05
C ASN F 250 19.88 -1.28 -40.00
N GLY F 251 19.69 -0.75 -41.21
CA GLY F 251 18.92 -1.41 -42.24
C GLY F 251 18.85 -2.93 -42.21
N THR F 252 17.64 -3.46 -42.10
CA THR F 252 17.44 -4.89 -42.12
C THR F 252 16.92 -5.25 -43.51
N ASP F 253 17.38 -6.36 -44.08
CA ASP F 253 16.90 -6.75 -45.40
C ASP F 253 15.72 -7.70 -45.27
N GLU F 254 14.52 -7.17 -45.48
CA GLU F 254 13.30 -7.96 -45.39
C GLU F 254 13.07 -8.62 -46.75
N VAL F 255 12.96 -9.93 -46.74
CA VAL F 255 12.76 -10.66 -47.98
C VAL F 255 11.60 -11.65 -47.92
N TYR F 256 11.23 -12.15 -49.10
CA TYR F 256 10.20 -13.15 -49.22
C TYR F 256 10.80 -14.20 -50.17
N ILE F 257 11.27 -15.30 -49.59
CA ILE F 257 11.86 -16.39 -50.35
C ILE F 257 10.68 -17.33 -50.66
N PHE F 258 10.52 -17.71 -51.93
CA PHE F 258 9.40 -18.57 -52.29
C PHE F 258 9.57 -19.33 -53.62
N ASN F 259 8.56 -20.14 -53.93
CA ASN F 259 8.54 -20.87 -55.18
C ASN F 259 7.19 -20.57 -55.85
N MET G 1 1.95 29.04 18.43
CA MET G 1 1.64 30.22 17.58
C MET G 1 0.45 30.91 18.21
N LEU G 2 0.75 31.50 19.37
CA LEU G 2 -0.20 32.22 20.19
C LEU G 2 -0.54 33.61 19.66
N GLY G 3 -1.80 34.03 19.83
CA GLY G 3 -2.21 35.36 19.39
C GLY G 3 -1.90 36.29 20.55
N ALA G 4 -2.23 37.58 20.44
CA ALA G 4 -1.95 38.53 21.54
C ALA G 4 -3.05 38.50 22.63
N ILE G 5 -4.23 38.06 22.27
CA ILE G 5 -5.35 37.97 23.20
C ILE G 5 -6.32 36.95 22.61
N ALA G 6 -7.23 36.42 23.43
CA ALA G 6 -8.20 35.49 22.85
C ALA G 6 -9.03 36.34 21.88
N TYR G 7 -9.31 35.82 20.70
CA TYR G 7 -10.07 36.62 19.74
C TYR G 7 -10.96 35.81 18.80
N THR G 8 -12.19 36.26 18.58
CA THR G 8 -13.08 35.53 17.69
C THR G 8 -12.51 35.42 16.27
N GLY G 9 -12.51 34.21 15.74
CA GLY G 9 -12.01 34.03 14.42
C GLY G 9 -10.49 34.05 14.34
N ASN G 10 -9.80 33.88 15.47
CA ASN G 10 -8.34 33.87 15.42
C ASN G 10 -7.93 32.74 14.51
N LYS G 11 -6.63 32.62 14.27
CA LYS G 11 -6.14 31.59 13.37
C LYS G 11 -4.98 30.83 14.00
N GLN G 12 -4.96 30.78 15.33
CA GLN G 12 -3.86 30.11 16.03
C GLN G 12 -3.47 28.74 15.53
N SER G 13 -4.43 27.84 15.46
CA SER G 13 -4.13 26.48 15.03
C SER G 13 -4.11 26.34 13.53
N LEU G 14 -4.45 27.41 12.83
CA LEU G 14 -4.51 27.35 11.39
C LEU G 14 -3.28 27.96 10.70
N LEU G 15 -2.47 28.67 11.46
CA LEU G 15 -1.30 29.34 10.88
C LEU G 15 -0.35 28.41 10.17
N PRO G 16 0.05 27.29 10.80
CA PRO G 16 0.97 26.30 10.24
C PRO G 16 0.61 25.78 8.86
N GLU G 17 -0.65 25.41 8.67
CA GLU G 17 -1.08 24.95 7.36
C GLU G 17 -0.92 26.11 6.38
N LEU G 18 -1.53 27.24 6.72
CA LEU G 18 -1.49 28.43 5.89
C LEU G 18 -0.12 28.88 5.41
N LYS G 19 0.88 28.87 6.29
CA LYS G 19 2.21 29.32 5.91
C LYS G 19 2.76 28.49 4.74
N SER G 20 2.39 27.22 4.70
CA SER G 20 2.84 26.35 3.62
C SER G 20 2.11 26.79 2.36
N HIS G 21 1.87 28.08 2.23
CA HIS G 21 1.18 28.61 1.07
C HIS G 21 1.55 30.07 0.98
N PHE G 22 2.59 30.46 1.71
CA PHE G 22 3.01 31.84 1.69
C PHE G 22 4.14 32.04 0.71
N PRO G 23 4.03 33.08 -0.13
CA PRO G 23 5.09 33.36 -1.11
C PRO G 23 6.15 34.05 -0.26
N LYS G 24 7.31 34.33 -0.82
CA LYS G 24 8.23 35.11 -0.05
C LYS G 24 7.74 36.52 -0.24
N TYR G 25 8.24 37.47 0.52
CA TYR G 25 7.74 38.83 0.37
C TYR G 25 8.62 39.94 0.89
N ASN G 26 8.24 41.13 0.46
CA ASN G 26 8.88 42.38 0.83
C ASN G 26 8.31 42.76 2.19
N ARG G 27 6.98 42.75 2.25
CA ARG G 27 6.24 43.12 3.46
C ARG G 27 5.06 42.14 3.68
N PHE G 28 4.60 42.03 4.94
CA PHE G 28 3.46 41.17 5.25
C PHE G 28 2.31 42.05 5.74
N VAL G 29 1.21 41.99 5.02
CA VAL G 29 0.07 42.79 5.38
C VAL G 29 -1.07 41.95 5.92
N ASP G 30 -1.38 42.15 7.19
CA ASP G 30 -2.50 41.52 7.86
C ASP G 30 -3.60 42.52 7.80
N LEU G 31 -4.27 42.58 6.67
CA LEU G 31 -5.32 43.58 6.50
C LEU G 31 -6.41 43.56 7.58
N PHE G 32 -6.64 42.39 8.19
CA PHE G 32 -7.61 42.24 9.28
C PHE G 32 -6.84 41.43 10.33
N CYS G 33 -6.09 42.12 11.19
CA CYS G 33 -5.27 41.41 12.15
C CYS G 33 -5.91 41.01 13.48
N GLY G 34 -6.99 41.68 13.86
CA GLY G 34 -7.66 41.37 15.09
C GLY G 34 -6.76 41.05 16.26
N GLY G 35 -6.83 39.81 16.72
CA GLY G 35 -6.05 39.33 17.85
C GLY G 35 -4.55 39.09 17.62
N LEU G 36 -4.07 39.36 16.40
CA LEU G 36 -2.66 39.24 16.02
C LEU G 36 -2.03 37.86 16.05
N SER G 37 -2.86 36.81 16.05
CA SER G 37 -2.28 35.48 16.06
C SER G 37 -1.44 35.29 14.79
N VAL G 38 -1.78 36.03 13.73
CA VAL G 38 -1.02 35.90 12.51
C VAL G 38 0.16 36.83 12.55
N SER G 39 -0.08 38.14 12.66
CA SER G 39 1.02 39.11 12.69
C SER G 39 2.13 38.72 13.64
N LEU G 40 1.79 38.35 14.86
CA LEU G 40 2.80 37.99 15.82
C LEU G 40 3.67 36.81 15.42
N ASN G 41 3.19 35.99 14.49
CA ASN G 41 3.94 34.78 14.10
C ASN G 41 4.43 34.61 12.67
N VAL G 42 4.84 35.72 12.07
CA VAL G 42 5.36 35.71 10.72
C VAL G 42 6.61 36.59 10.68
N ASN G 43 7.39 36.47 9.61
CA ASN G 43 8.62 37.23 9.45
C ASN G 43 8.34 38.68 9.04
N GLY G 44 9.02 39.61 9.72
CA GLY G 44 8.85 41.02 9.43
C GLY G 44 9.25 41.38 8.01
N PRO G 45 8.93 42.57 7.51
CA PRO G 45 8.20 43.59 8.24
C PRO G 45 6.71 43.23 8.26
N VAL G 46 6.01 43.64 9.31
CA VAL G 46 4.59 43.36 9.41
C VAL G 46 3.74 44.60 9.52
N LEU G 47 2.68 44.62 8.73
CA LEU G 47 1.74 45.73 8.77
C LEU G 47 0.46 45.23 9.43
N ALA G 48 0.42 45.30 10.76
CA ALA G 48 -0.76 44.87 11.50
C ALA G 48 -1.84 45.96 11.36
N ASN G 49 -2.91 45.66 10.64
CA ASN G 49 -3.97 46.63 10.45
C ASN G 49 -5.34 46.09 10.77
N ASP G 50 -6.08 46.84 11.59
CA ASP G 50 -7.45 46.48 11.94
C ASP G 50 -8.27 47.74 12.15
N ILE G 51 -9.44 47.78 11.55
CA ILE G 51 -10.33 48.92 11.66
C ILE G 51 -10.63 49.31 13.11
N GLN G 52 -10.79 48.33 14.00
CA GLN G 52 -11.09 48.59 15.41
C GLN G 52 -9.94 49.38 16.05
N GLU G 53 -10.01 50.70 15.96
CA GLU G 53 -8.98 51.58 16.49
C GLU G 53 -8.72 51.46 18.00
N PRO G 54 -9.76 51.19 18.78
CA PRO G 54 -9.50 51.07 20.22
C PRO G 54 -8.56 49.91 20.55
N ILE G 55 -8.62 48.83 19.76
CA ILE G 55 -7.78 47.67 20.00
C ILE G 55 -6.37 47.94 19.55
N ILE G 56 -6.24 48.57 18.39
CA ILE G 56 -4.94 48.93 17.85
C ILE G 56 -4.25 49.85 18.86
N GLU G 57 -4.99 50.79 19.41
CA GLU G 57 -4.41 51.69 20.40
C GLU G 57 -4.01 50.94 21.66
N MET G 58 -4.61 49.77 21.86
CA MET G 58 -4.32 48.97 23.02
C MET G 58 -2.99 48.27 22.82
N TYR G 59 -2.73 47.82 21.59
CA TYR G 59 -1.48 47.13 21.34
C TYR G 59 -0.39 48.13 21.59
N LYS G 60 -0.51 49.28 20.93
CA LYS G 60 0.50 50.34 21.07
C LYS G 60 0.77 50.66 22.51
N ARG G 61 -0.23 50.52 23.37
CA ARG G 61 0.01 50.80 24.76
C ARG G 61 0.81 49.65 25.35
N LEU G 62 0.30 48.44 25.19
CA LEU G 62 0.98 47.26 25.72
C LEU G 62 2.49 47.28 25.48
N ILE G 63 2.89 47.76 24.30
CA ILE G 63 4.30 47.83 23.96
C ILE G 63 5.18 48.53 24.99
N ASN G 64 4.60 49.32 25.90
CA ASN G 64 5.41 50.00 26.91
C ASN G 64 4.94 49.72 28.33
N VAL G 65 4.22 48.64 28.55
CA VAL G 65 3.78 48.34 29.91
C VAL G 65 4.42 46.99 30.22
N SER G 66 4.28 46.54 31.46
CA SER G 66 4.82 45.27 31.93
C SER G 66 3.68 44.49 32.51
N TRP G 67 3.79 43.17 32.53
CA TRP G 67 2.71 42.36 33.09
C TRP G 67 2.47 42.65 34.56
N ASP G 68 3.23 43.55 35.13
CA ASP G 68 2.97 43.83 36.52
C ASP G 68 1.95 44.96 36.57
N ASP G 69 1.99 45.82 35.56
CA ASP G 69 1.02 46.92 35.47
C ASP G 69 -0.37 46.33 35.29
N VAL G 70 -0.44 45.17 34.67
CA VAL G 70 -1.72 44.53 34.43
C VAL G 70 -2.24 44.05 35.76
N LEU G 71 -1.36 43.54 36.59
CA LEU G 71 -1.74 43.03 37.90
C LEU G 71 -2.08 44.16 38.86
N LYS G 72 -1.31 45.25 38.80
CA LYS G 72 -1.54 46.41 39.66
C LYS G 72 -2.95 46.92 39.44
N VAL G 73 -3.36 46.95 38.16
CA VAL G 73 -4.69 47.40 37.80
C VAL G 73 -5.74 46.38 38.20
N ILE G 74 -5.38 45.11 38.18
CA ILE G 74 -6.37 44.12 38.59
C ILE G 74 -6.54 44.25 40.09
N LYS G 75 -5.44 44.39 40.81
CA LYS G 75 -5.49 44.53 42.27
C LYS G 75 -6.32 45.78 42.59
N GLN G 76 -5.84 46.94 42.13
CA GLN G 76 -6.53 48.20 42.33
C GLN G 76 -8.06 48.11 42.22
N TYR G 77 -8.58 47.27 41.32
CA TYR G 77 -10.02 47.13 41.18
C TYR G 77 -10.56 45.85 41.82
N LYS G 78 -9.71 45.12 42.52
CA LYS G 78 -10.15 43.88 43.17
C LYS G 78 -11.05 43.09 42.20
N LEU G 79 -10.45 42.52 41.14
CA LEU G 79 -11.18 41.76 40.11
C LEU G 79 -11.03 40.25 40.22
N SER G 80 -12.08 39.52 39.83
CA SER G 80 -12.08 38.06 39.89
C SER G 80 -13.19 37.43 39.07
N LYS G 81 -13.33 36.11 39.17
CA LYS G 81 -14.41 35.39 38.48
C LYS G 81 -15.77 35.91 38.95
N THR G 82 -15.76 36.75 39.98
CA THR G 82 -17.01 37.26 40.54
C THR G 82 -17.14 38.78 40.63
N SER G 83 -16.04 39.49 40.54
CA SER G 83 -16.07 40.93 40.62
C SER G 83 -16.90 41.63 39.56
N LYS G 84 -18.17 41.26 39.46
CA LYS G 84 -19.04 41.87 38.45
C LYS G 84 -19.21 43.39 38.63
N GLU G 85 -19.48 43.81 39.86
CA GLU G 85 -19.64 45.23 40.14
C GLU G 85 -18.34 45.94 39.83
N GLU G 86 -17.26 45.44 40.41
CA GLU G 86 -15.95 45.98 40.18
C GLU G 86 -15.72 45.96 38.66
N PHE G 87 -16.16 44.89 38.01
CA PHE G 87 -16.05 44.76 36.56
C PHE G 87 -16.71 45.95 35.94
N LEU G 88 -17.98 46.13 36.28
CA LEU G 88 -18.77 47.23 35.78
C LEU G 88 -18.16 48.62 35.97
N LYS G 89 -17.45 48.80 37.09
CA LYS G 89 -16.83 50.09 37.35
C LYS G 89 -15.68 50.34 36.39
N LEU G 90 -14.79 49.35 36.28
CA LEU G 90 -13.64 49.43 35.40
C LEU G 90 -14.14 49.84 34.05
N ARG G 91 -15.16 49.11 33.59
CA ARG G 91 -15.76 49.37 32.29
C ARG G 91 -16.02 50.86 32.15
N GLU G 92 -16.81 51.39 33.08
CA GLU G 92 -17.17 52.80 33.11
C GLU G 92 -15.95 53.72 33.06
N ASP G 93 -14.99 53.47 33.95
CA ASP G 93 -13.76 54.25 34.03
C ASP G 93 -13.11 54.28 32.65
N TYR G 94 -12.95 53.11 32.04
CA TYR G 94 -12.33 53.03 30.75
C TYR G 94 -13.11 53.89 29.73
N ASN G 95 -14.44 53.84 29.83
CA ASN G 95 -15.29 54.58 28.91
C ASN G 95 -15.09 56.08 28.95
N LYS G 96 -14.73 56.61 30.13
CA LYS G 96 -14.49 58.04 30.33
C LYS G 96 -13.10 58.39 29.83
N THR G 97 -12.09 57.76 30.43
CA THR G 97 -10.68 58.00 30.10
C THR G 97 -10.20 57.47 28.77
N ARG G 98 -10.67 56.30 28.36
CA ARG G 98 -10.23 55.72 27.10
C ARG G 98 -8.78 55.21 27.16
N ASP G 99 -8.26 55.03 28.36
CA ASP G 99 -6.90 54.56 28.52
C ASP G 99 -6.81 53.12 28.05
N PRO G 100 -6.03 52.87 27.00
CA PRO G 100 -5.91 51.50 26.51
C PRO G 100 -5.65 50.41 27.56
N LEU G 101 -4.62 50.59 28.37
CA LEU G 101 -4.27 49.60 29.39
C LEU G 101 -5.48 49.05 30.15
N LEU G 102 -6.48 49.91 30.38
CA LEU G 102 -7.69 49.48 31.08
C LEU G 102 -8.57 48.59 30.22
N LEU G 103 -8.63 48.91 28.92
CA LEU G 103 -9.40 48.13 27.97
C LEU G 103 -8.75 46.77 27.95
N TYR G 104 -7.42 46.74 27.92
CA TYR G 104 -6.73 45.46 27.91
C TYR G 104 -7.17 44.62 29.12
N VAL G 105 -7.22 45.23 30.28
CA VAL G 105 -7.62 44.51 31.47
C VAL G 105 -9.07 44.00 31.36
N LEU G 106 -9.95 44.84 30.79
CA LEU G 106 -11.36 44.49 30.62
C LEU G 106 -11.57 43.20 29.86
N HIS G 107 -11.00 43.14 28.67
CA HIS G 107 -11.16 41.99 27.81
C HIS G 107 -10.98 40.66 28.51
N PHE G 108 -10.22 40.62 29.58
CA PHE G 108 -10.04 39.35 30.27
C PHE G 108 -11.28 38.97 31.05
N HIS G 109 -12.04 39.97 31.50
CA HIS G 109 -13.22 39.73 32.30
C HIS G 109 -14.58 39.79 31.62
N GLY G 110 -14.60 39.92 30.30
CA GLY G 110 -15.88 40.02 29.64
C GLY G 110 -16.55 38.77 29.10
N PHE G 111 -17.85 38.90 28.84
CA PHE G 111 -18.60 37.80 28.29
C PHE G 111 -17.87 37.30 27.05
N SER G 112 -17.29 36.12 27.22
CA SER G 112 -16.56 35.45 26.18
C SER G 112 -15.39 36.24 25.63
N ASN G 113 -14.81 37.08 26.47
CA ASN G 113 -13.64 37.86 26.07
C ASN G 113 -13.95 38.68 24.86
N MET G 114 -15.23 38.94 24.65
CA MET G 114 -15.66 39.73 23.51
C MET G 114 -15.22 41.17 23.74
N ILE G 115 -14.79 41.86 22.70
CA ILE G 115 -14.38 43.25 22.84
C ILE G 115 -15.39 44.05 22.06
N ARG G 116 -16.57 44.28 22.63
CA ARG G 116 -17.60 45.02 21.94
C ARG G 116 -17.57 46.53 22.20
N ILE G 117 -17.44 47.30 21.11
CA ILE G 117 -17.40 48.76 21.21
C ILE G 117 -18.58 49.40 20.46
N ASN G 118 -19.28 50.37 21.06
CA ASN G 118 -20.42 50.99 20.35
C ASN G 118 -20.03 52.24 19.59
N ASP G 119 -21.03 52.99 19.12
CA ASP G 119 -20.78 54.22 18.34
C ASP G 119 -20.10 55.33 19.16
N LYS G 120 -20.39 55.36 20.45
CA LYS G 120 -19.80 56.33 21.37
C LYS G 120 -18.32 56.01 21.57
N GLY G 121 -17.93 54.79 21.20
CA GLY G 121 -16.55 54.36 21.36
C GLY G 121 -16.44 53.68 22.70
N ASN G 122 -17.58 53.40 23.29
CA ASN G 122 -17.61 52.72 24.57
C ASN G 122 -17.58 51.19 24.49
N PHE G 123 -17.00 50.58 25.51
CA PHE G 123 -16.91 49.14 25.61
C PHE G 123 -18.22 48.74 26.29
N THR G 124 -18.95 47.84 25.64
CA THR G 124 -20.26 47.42 26.13
C THR G 124 -20.41 45.95 26.44
N THR G 125 -19.32 45.21 26.39
CA THR G 125 -19.39 43.79 26.69
C THR G 125 -19.92 43.60 28.13
N PRO G 126 -20.67 42.52 28.39
CA PRO G 126 -21.16 42.32 29.76
C PRO G 126 -20.11 41.54 30.56
N PHE G 127 -20.32 41.36 31.86
CA PHE G 127 -19.35 40.60 32.65
C PHE G 127 -19.22 39.22 32.03
N GLY G 128 -18.08 38.55 32.25
CA GLY G 128 -17.87 37.24 31.68
C GLY G 128 -17.70 36.15 32.72
N LYS G 129 -17.86 36.55 33.98
CA LYS G 129 -17.70 35.59 35.05
C LYS G 129 -16.33 34.95 34.91
N ARG G 130 -15.29 35.80 34.77
CA ARG G 130 -13.96 35.30 34.63
C ARG G 130 -12.86 36.32 34.75
N THR G 131 -11.67 35.79 34.71
CA THR G 131 -10.50 36.61 34.80
C THR G 131 -9.24 35.92 34.33
N ILE G 132 -8.19 36.68 34.17
CA ILE G 132 -6.91 36.18 33.71
C ILE G 132 -6.62 34.77 34.27
N ASN G 133 -5.95 33.94 33.43
CA ASN G 133 -5.59 32.55 33.69
C ASN G 133 -4.14 32.20 33.31
N LYS G 134 -3.83 30.90 33.32
CA LYS G 134 -2.48 30.45 33.04
C LYS G 134 -1.97 30.82 31.64
N ASN G 135 -2.85 31.27 30.76
CA ASN G 135 -2.43 31.63 29.41
C ASN G 135 -2.28 33.13 29.21
N SER G 136 -2.87 33.91 30.11
CA SER G 136 -2.82 35.35 29.96
C SER G 136 -1.41 35.89 29.85
N GLU G 137 -0.58 35.68 30.87
CA GLU G 137 0.78 36.21 30.79
C GLU G 137 1.50 35.70 29.56
N LYS G 138 1.34 34.42 29.24
CA LYS G 138 1.97 33.84 28.06
C LYS G 138 1.70 34.67 26.82
N ARG G 139 0.42 34.97 26.58
CA ARG G 139 0.04 35.75 25.41
C ARG G 139 0.69 37.09 25.46
N PHE G 140 0.66 37.68 26.64
CA PHE G 140 1.24 38.99 26.83
C PHE G 140 2.66 38.96 26.31
N ASN G 141 3.44 38.04 26.91
CA ASN G 141 4.85 37.81 26.59
C ASN G 141 5.02 37.58 25.13
N HIS G 142 4.33 36.57 24.64
CA HIS G 142 4.46 36.26 23.23
C HIS G 142 4.33 37.53 22.39
N PHE G 143 3.56 38.50 22.89
CA PHE G 143 3.34 39.77 22.21
C PHE G 143 4.61 40.60 22.20
N LYS G 144 5.09 40.85 23.40
CA LYS G 144 6.31 41.62 23.60
C LYS G 144 7.42 41.08 22.69
N GLN G 145 7.77 39.81 22.89
CA GLN G 145 8.81 39.15 22.13
C GLN G 145 8.68 39.28 20.62
N ASN G 146 7.47 39.53 20.12
CA ASN G 146 7.31 39.61 18.67
C ASN G 146 6.66 40.85 18.09
N CYS G 147 6.33 41.83 18.92
CA CYS G 147 5.70 43.05 18.41
C CYS G 147 6.67 43.92 17.62
N ASP G 148 7.94 43.86 18.03
CA ASP G 148 9.01 44.61 17.40
C ASP G 148 8.84 44.80 15.90
N LYS G 149 8.60 43.70 15.18
CA LYS G 149 8.44 43.70 13.72
C LYS G 149 7.14 44.28 13.16
N ILE G 150 6.35 44.96 13.97
CA ILE G 150 5.06 45.42 13.48
C ILE G 150 4.76 46.90 13.44
N ILE G 151 4.03 47.29 12.39
CA ILE G 151 3.58 48.67 12.28
C ILE G 151 2.07 48.61 12.34
N PHE G 152 1.54 49.08 13.48
CA PHE G 152 0.12 49.06 13.69
C PHE G 152 -0.66 50.17 12.99
N SER G 153 -1.77 49.76 12.37
CA SER G 153 -2.66 50.67 11.66
C SER G 153 -4.11 50.38 12.04
N SER G 154 -4.98 51.35 11.77
CA SER G 154 -6.40 51.22 12.06
C SER G 154 -7.24 51.83 10.94
N LEU G 155 -7.01 51.35 9.73
CA LEU G 155 -7.72 51.84 8.57
C LEU G 155 -8.70 50.86 7.99
N HIS G 156 -9.73 51.39 7.35
CA HIS G 156 -10.71 50.56 6.68
C HIS G 156 -9.97 49.99 5.47
N PHE G 157 -9.91 48.66 5.41
CA PHE G 157 -9.16 47.94 4.36
C PHE G 157 -9.13 48.58 2.99
N LYS G 158 -10.21 49.24 2.58
CA LYS G 158 -10.32 49.89 1.26
C LYS G 158 -9.40 51.12 1.12
N ASP G 159 -8.86 51.57 2.25
CA ASP G 159 -7.97 52.73 2.29
C ASP G 159 -6.57 52.39 2.86
N VAL G 160 -6.26 51.08 2.84
CA VAL G 160 -4.95 50.55 3.17
C VAL G 160 -4.20 50.57 1.88
N LYS G 161 -3.07 51.20 1.85
CA LYS G 161 -2.38 51.13 0.57
C LYS G 161 -1.43 49.92 0.58
N ILE G 162 -1.35 49.20 -0.56
CA ILE G 162 -0.46 48.04 -0.70
C ILE G 162 0.66 48.31 -1.69
N LEU G 163 1.89 48.26 -1.14
CA LEU G 163 3.05 48.43 -1.98
C LEU G 163 3.65 47.07 -2.30
N ASP G 164 4.07 46.98 -3.55
CA ASP G 164 4.65 45.84 -4.22
C ASP G 164 5.70 45.01 -3.47
N GLY G 165 5.62 43.70 -3.62
CA GLY G 165 6.57 42.85 -2.94
C GLY G 165 6.00 42.32 -1.61
N ASP G 166 5.01 43.03 -1.07
CA ASP G 166 4.40 42.59 0.16
C ASP G 166 3.30 41.57 -0.12
N PHE G 167 3.06 40.66 0.83
CA PHE G 167 2.03 39.64 0.69
C PHE G 167 0.87 40.07 1.60
N VAL G 168 -0.35 40.02 1.06
CA VAL G 168 -1.50 40.41 1.86
C VAL G 168 -2.36 39.21 2.29
N TYR G 169 -2.33 38.90 3.59
CA TYR G 169 -3.17 37.82 4.10
C TYR G 169 -4.51 38.43 4.41
N VAL G 170 -5.57 37.80 3.92
CA VAL G 170 -6.92 38.33 4.10
C VAL G 170 -7.86 37.46 4.93
N ASP G 171 -8.13 37.91 6.15
CA ASP G 171 -9.04 37.20 7.03
C ASP G 171 -10.13 38.21 7.38
N PRO G 172 -11.04 38.44 6.47
CA PRO G 172 -12.10 39.41 6.78
C PRO G 172 -13.14 38.74 7.64
N PRO G 173 -14.24 39.44 7.93
CA PRO G 173 -15.28 38.84 8.74
C PRO G 173 -16.05 37.99 7.77
N TYR G 174 -16.27 36.74 8.11
CA TYR G 174 -17.01 35.86 7.22
C TYR G 174 -18.46 36.33 7.13
N LEU G 175 -18.95 36.49 5.91
CA LEU G 175 -20.32 36.94 5.69
C LEU G 175 -21.36 36.04 6.37
N ILE G 176 -21.29 34.74 6.10
CA ILE G 176 -22.26 33.77 6.67
C ILE G 176 -22.07 33.40 8.13
N THR G 177 -21.38 34.23 8.90
CA THR G 177 -21.20 33.93 10.32
C THR G 177 -21.48 35.15 11.17
N VAL G 178 -21.34 35.01 12.47
CA VAL G 178 -21.63 36.13 13.35
C VAL G 178 -20.65 36.40 14.49
N ALA G 179 -19.76 37.31 14.25
CA ALA G 179 -18.83 37.81 15.25
C ALA G 179 -19.31 39.20 15.54
N ASP G 180 -19.13 39.70 16.75
CA ASP G 180 -19.63 41.03 17.00
C ASP G 180 -19.20 41.94 15.87
N TYR G 181 -17.93 41.84 15.49
CA TYR G 181 -17.41 42.69 14.43
C TYR G 181 -17.99 42.45 13.06
N ASN G 182 -19.05 41.65 12.96
CA ASN G 182 -19.65 41.45 11.66
C ASN G 182 -20.45 42.72 11.34
N LYS G 183 -20.64 43.55 12.37
CA LYS G 183 -21.36 44.80 12.22
C LYS G 183 -20.71 45.58 11.06
N PHE G 184 -19.39 45.53 10.99
CA PHE G 184 -18.64 46.24 9.97
C PHE G 184 -18.71 45.62 8.59
N TRP G 185 -19.55 44.60 8.39
CA TRP G 185 -19.59 43.91 7.09
C TRP G 185 -20.94 43.77 6.35
N SER G 186 -20.86 43.55 5.04
CA SER G 186 -22.03 43.41 4.19
C SER G 186 -21.65 42.73 2.88
N GLU G 187 -22.67 42.45 2.06
CA GLU G 187 -22.47 41.80 0.77
C GLU G 187 -21.66 42.75 -0.10
N ASP G 188 -21.73 44.03 0.24
CA ASP G 188 -21.00 45.07 -0.47
C ASP G 188 -19.53 44.95 -0.11
N GLU G 189 -19.26 45.19 1.18
CA GLU G 189 -17.90 45.11 1.70
C GLU G 189 -17.20 43.88 1.11
N GLU G 190 -17.97 42.81 0.99
CA GLU G 190 -17.48 41.55 0.44
C GLU G 190 -17.05 41.78 -0.99
N LYS G 191 -17.94 42.39 -1.78
CA LYS G 191 -17.64 42.67 -3.18
C LYS G 191 -16.40 43.56 -3.29
N ASP G 192 -16.42 44.67 -2.55
CA ASP G 192 -15.30 45.59 -2.54
C ASP G 192 -13.97 44.88 -2.32
N LEU G 193 -14.00 43.95 -1.36
CA LEU G 193 -12.85 43.13 -0.96
C LEU G 193 -12.34 42.24 -2.09
N LEU G 194 -13.24 41.45 -2.66
CA LEU G 194 -12.86 40.58 -3.76
C LEU G 194 -12.32 41.41 -4.92
N ASN G 195 -12.86 42.62 -5.11
CA ASN G 195 -12.38 43.51 -6.16
C ASN G 195 -10.94 43.86 -5.87
N LEU G 196 -10.69 44.40 -4.69
CA LEU G 196 -9.34 44.79 -4.32
C LEU G 196 -8.42 43.62 -4.60
N LEU G 197 -8.87 42.47 -4.14
CA LEU G 197 -8.13 41.24 -4.28
C LEU G 197 -7.76 40.91 -5.72
N ASP G 198 -8.76 40.90 -6.62
CA ASP G 198 -8.46 40.62 -8.04
C ASP G 198 -7.45 41.65 -8.51
N SER G 199 -7.80 42.92 -8.34
CA SER G 199 -6.93 44.02 -8.73
C SER G 199 -5.49 43.73 -8.27
N LEU G 200 -5.32 43.51 -6.98
CA LEU G 200 -3.99 43.24 -6.42
C LEU G 200 -3.30 42.19 -7.27
N ASN G 201 -4.08 41.21 -7.73
CA ASN G 201 -3.59 40.11 -8.57
C ASN G 201 -3.06 40.72 -9.87
N ASP G 202 -3.91 41.51 -10.53
CA ASP G 202 -3.56 42.19 -11.76
C ASP G 202 -2.28 42.98 -11.53
N ARG G 203 -2.29 43.84 -10.50
CA ARG G 203 -1.12 44.63 -10.16
C ARG G 203 0.06 43.71 -9.87
N GLY G 204 -0.13 42.42 -10.14
CA GLY G 204 0.91 41.42 -9.95
C GLY G 204 1.21 41.11 -8.50
N ILE G 205 0.20 41.23 -7.64
CA ILE G 205 0.36 40.99 -6.21
C ILE G 205 -0.26 39.68 -5.74
N LYS G 206 0.49 38.96 -4.91
CA LYS G 206 0.06 37.67 -4.35
C LYS G 206 -0.65 37.82 -3.00
N PHE G 207 -1.89 37.38 -2.96
CA PHE G 207 -2.65 37.45 -1.73
C PHE G 207 -3.07 36.05 -1.25
N GLY G 208 -3.64 36.03 -0.04
CA GLY G 208 -4.09 34.81 0.57
C GLY G 208 -5.33 35.24 1.33
N LEU G 209 -6.38 34.45 1.27
CA LEU G 209 -7.58 34.85 1.97
C LEU G 209 -8.38 33.67 2.49
N SER G 210 -8.83 33.80 3.72
CA SER G 210 -9.60 32.78 4.39
C SER G 210 -11.05 33.17 4.39
N ASN G 211 -11.91 32.17 4.36
CA ASN G 211 -13.33 32.40 4.43
C ASN G 211 -14.03 31.07 4.52
N VAL G 212 -15.36 31.11 4.59
CA VAL G 212 -16.14 29.89 4.66
C VAL G 212 -17.23 29.94 3.61
N LEU G 213 -17.24 28.94 2.76
CA LEU G 213 -18.20 28.88 1.68
C LEU G 213 -19.57 28.39 2.12
N GLU G 214 -19.61 27.56 3.16
CA GLU G 214 -20.86 27.00 3.70
C GLU G 214 -20.80 26.79 5.22
N HIS G 215 -21.61 27.53 5.96
CA HIS G 215 -21.63 27.41 7.42
C HIS G 215 -23.04 27.26 7.96
N HIS G 216 -23.32 26.24 8.74
CA HIS G 216 -24.67 26.24 9.29
C HIS G 216 -25.82 26.35 8.26
N GLY G 217 -25.74 25.75 7.08
CA GLY G 217 -26.86 25.84 6.17
C GLY G 217 -26.81 27.03 5.20
N LYS G 218 -25.84 27.91 5.38
CA LYS G 218 -25.78 29.04 4.45
C LYS G 218 -24.47 29.10 3.64
N GLU G 219 -24.56 29.71 2.42
CA GLU G 219 -23.46 29.80 1.41
C GLU G 219 -23.16 31.18 0.75
N ASN G 220 -21.90 31.55 0.76
CA ASN G 220 -21.41 32.79 0.15
C ASN G 220 -21.20 32.58 -1.34
N THR G 221 -22.30 32.44 -2.06
CA THR G 221 -22.26 32.24 -3.50
C THR G 221 -21.31 33.25 -4.12
N LEU G 222 -21.47 34.52 -3.73
CA LEU G 222 -20.64 35.61 -4.24
C LEU G 222 -19.20 35.15 -4.39
N LEU G 223 -18.71 34.43 -3.38
CA LEU G 223 -17.34 33.94 -3.35
C LEU G 223 -17.15 32.53 -3.94
N LYS G 224 -18.08 31.63 -3.62
CA LYS G 224 -18.02 30.26 -4.13
C LYS G 224 -17.78 30.34 -5.62
N GLU G 225 -18.49 31.26 -6.28
CA GLU G 225 -18.33 31.47 -7.71
C GLU G 225 -16.97 32.17 -7.91
N TRP G 226 -16.86 33.41 -7.43
CA TRP G 226 -15.62 34.17 -7.53
C TRP G 226 -14.40 33.26 -7.39
N SER G 227 -14.26 32.62 -6.23
CA SER G 227 -13.16 31.71 -5.92
C SER G 227 -12.63 30.78 -7.00
N LYS G 228 -13.50 30.37 -7.92
CA LYS G 228 -13.12 29.45 -8.98
C LYS G 228 -11.92 29.93 -9.85
N LYS G 229 -11.71 31.24 -9.91
CA LYS G 229 -10.61 31.79 -10.70
C LYS G 229 -9.27 31.50 -10.04
N TYR G 230 -9.27 31.47 -8.71
CA TYR G 230 -8.04 31.25 -7.93
C TYR G 230 -7.92 29.86 -7.28
N ASN G 231 -6.80 29.63 -6.60
CA ASN G 231 -6.56 28.37 -5.90
C ASN G 231 -7.49 28.31 -4.69
N VAL G 232 -8.06 27.14 -4.40
CA VAL G 232 -8.97 27.07 -3.27
C VAL G 232 -8.75 25.88 -2.35
N LYS G 233 -7.83 26.01 -1.40
CA LYS G 233 -7.55 24.93 -0.45
C LYS G 233 -8.66 24.76 0.59
N HIS G 234 -9.29 23.59 0.56
CA HIS G 234 -10.35 23.28 1.52
C HIS G 234 -9.66 22.73 2.75
N LEU G 235 -10.32 22.78 3.90
CA LEU G 235 -9.66 22.30 5.11
C LEU G 235 -10.51 21.50 6.08
N ASN G 236 -11.80 21.79 6.13
CA ASN G 236 -12.61 21.06 7.09
C ASN G 236 -12.54 19.58 6.77
N LYS G 237 -13.38 19.10 5.86
CA LYS G 237 -13.37 17.69 5.48
C LYS G 237 -13.33 17.60 3.95
N LYS G 238 -12.74 16.52 3.44
CA LYS G 238 -12.62 16.36 1.98
C LYS G 238 -13.13 15.03 1.41
N TYR G 239 -14.26 15.12 0.71
CA TYR G 239 -14.92 13.99 0.06
C TYR G 239 -15.22 12.78 0.97
N ASN G 250 -26.34 20.06 8.11
CA ASN G 250 -25.30 21.00 8.54
C ASN G 250 -23.98 20.82 7.77
N GLY G 251 -22.90 21.36 8.33
CA GLY G 251 -21.58 21.28 7.71
C GLY G 251 -20.93 22.64 7.50
N THR G 252 -19.60 22.71 7.63
CA THR G 252 -18.89 23.98 7.44
C THR G 252 -17.62 23.83 6.59
N ASP G 253 -17.59 24.51 5.45
CA ASP G 253 -16.44 24.44 4.56
C ASP G 253 -15.48 25.61 4.69
N GLU G 254 -14.50 25.46 5.56
CA GLU G 254 -13.48 26.49 5.77
C GLU G 254 -12.47 26.31 4.65
N VAL G 255 -12.15 27.38 3.94
CA VAL G 255 -11.21 27.28 2.84
C VAL G 255 -10.17 28.41 2.83
N TYR G 256 -9.14 28.24 2.02
CA TYR G 256 -8.11 29.25 1.85
C TYR G 256 -7.99 29.51 0.35
N ILE G 257 -8.48 30.68 -0.06
CA ILE G 257 -8.45 31.09 -1.47
C ILE G 257 -7.23 31.98 -1.69
N PHE G 258 -6.41 31.65 -2.68
CA PHE G 258 -5.20 32.41 -2.95
C PHE G 258 -4.75 32.43 -4.42
N ASN G 259 -3.93 33.42 -4.74
CA ASN G 259 -3.36 33.56 -6.08
C ASN G 259 -1.88 33.13 -5.96
N MET H 1 -3.58 -13.42 20.32
CA MET H 1 -4.59 -12.77 19.45
C MET H 1 -4.42 -11.28 19.61
N LEU H 2 -3.27 -10.84 19.10
CA LEU H 2 -2.83 -9.45 19.13
C LEU H 2 -3.54 -8.57 18.12
N GLY H 3 -3.81 -7.32 18.49
CA GLY H 3 -4.45 -6.39 17.56
C GLY H 3 -3.32 -5.74 16.76
N ALA H 4 -3.62 -4.80 15.86
CA ALA H 4 -2.57 -4.15 15.09
C ALA H 4 -1.88 -3.00 15.86
N ILE H 5 -2.57 -2.44 16.84
CA ILE H 5 -2.03 -1.35 17.62
C ILE H 5 -2.80 -1.33 18.93
N ALA H 6 -2.27 -0.70 19.97
CA ALA H 6 -3.05 -0.64 21.21
C ALA H 6 -4.30 0.18 20.84
N TYR H 7 -5.47 -0.21 21.33
CA TYR H 7 -6.68 0.53 20.95
C TYR H 7 -7.80 0.45 21.97
N THR H 8 -8.42 1.58 22.28
CA THR H 8 -9.50 1.57 23.25
C THR H 8 -10.65 0.66 22.86
N GLY H 9 -11.05 -0.17 23.79
CA GLY H 9 -12.13 -1.08 23.51
C GLY H 9 -11.72 -2.26 22.67
N ASN H 10 -10.42 -2.53 22.56
CA ASN H 10 -10.01 -3.67 21.75
C ASN H 10 -10.66 -4.90 22.33
N LYS H 11 -10.51 -6.03 21.66
CA LYS H 11 -11.12 -7.28 22.10
C LYS H 11 -10.12 -8.41 22.20
N GLN H 12 -8.85 -8.05 22.35
CA GLN H 12 -7.77 -9.05 22.40
C GLN H 12 -8.02 -10.28 23.25
N SER H 13 -8.31 -10.08 24.52
CA SER H 13 -8.52 -11.20 25.43
C SER H 13 -9.94 -11.76 25.34
N LEU H 14 -10.79 -11.09 24.58
CA LEU H 14 -12.17 -11.52 24.47
C LEU H 14 -12.47 -12.31 23.20
N LEU H 15 -11.53 -12.32 22.25
CA LEU H 15 -11.77 -13.00 20.99
C LEU H 15 -12.09 -14.46 21.14
N PRO H 16 -11.27 -15.21 21.89
CA PRO H 16 -11.46 -16.65 22.13
C PRO H 16 -12.85 -17.07 22.58
N GLU H 17 -13.38 -16.40 23.59
CA GLU H 17 -14.73 -16.71 24.04
C GLU H 17 -15.70 -16.47 22.89
N LEU H 18 -15.64 -15.27 22.32
CA LEU H 18 -16.51 -14.87 21.22
C LEU H 18 -16.57 -15.80 20.01
N LYS H 19 -15.42 -16.32 19.58
CA LYS H 19 -15.40 -17.20 18.42
C LYS H 19 -16.26 -18.44 18.66
N SER H 20 -16.32 -18.88 19.91
CA SER H 20 -17.12 -20.04 20.26
C SER H 20 -18.58 -19.61 20.15
N HIS H 21 -18.87 -18.73 19.21
CA HIS H 21 -20.22 -18.24 19.00
C HIS H 21 -20.30 -17.74 17.58
N PHE H 22 -19.31 -18.12 16.77
CA PHE H 22 -19.30 -17.66 15.40
C PHE H 22 -19.89 -18.72 14.48
N PRO H 23 -20.90 -18.35 13.72
CA PRO H 23 -21.47 -19.26 12.78
C PRO H 23 -20.48 -19.32 11.60
N LYS H 24 -20.50 -20.37 10.79
CA LYS H 24 -19.56 -20.39 9.64
C LYS H 24 -19.96 -19.26 8.71
N TYR H 25 -19.15 -18.91 7.72
CA TYR H 25 -19.55 -17.80 6.87
C TYR H 25 -18.87 -17.69 5.53
N ASN H 26 -19.47 -16.85 4.71
CA ASN H 26 -19.01 -16.53 3.37
C ASN H 26 -17.94 -15.46 3.52
N ARG H 27 -18.27 -14.44 4.30
CA ARG H 27 -17.41 -13.30 4.54
C ARG H 27 -17.49 -12.87 6.02
N PHE H 28 -16.44 -12.19 6.52
CA PHE H 28 -16.44 -11.70 7.90
C PHE H 28 -16.40 -10.17 7.87
N VAL H 29 -17.43 -9.58 8.45
CA VAL H 29 -17.55 -8.12 8.45
C VAL H 29 -17.35 -7.51 9.82
N ASP H 30 -16.22 -6.83 9.97
CA ASP H 30 -15.86 -6.09 11.19
C ASP H 30 -16.29 -4.66 11.01
N LEU H 31 -17.60 -4.49 11.12
CA LEU H 31 -18.22 -3.18 10.93
C LEU H 31 -17.52 -2.05 11.70
N PHE H 32 -16.93 -2.35 12.86
CA PHE H 32 -16.18 -1.37 13.65
C PHE H 32 -14.91 -2.06 14.02
N CYS H 33 -13.93 -2.04 13.13
CA CYS H 33 -12.70 -2.78 13.38
C CYS H 33 -11.61 -2.13 14.25
N GLY H 34 -11.66 -0.80 14.37
CA GLY H 34 -10.68 -0.10 15.18
C GLY H 34 -9.27 -0.60 15.03
N GLY H 35 -8.76 -1.13 16.14
CA GLY H 35 -7.41 -1.66 16.20
C GLY H 35 -7.13 -3.01 15.55
N LEU H 36 -8.14 -3.59 14.90
CA LEU H 36 -8.05 -4.87 14.19
C LEU H 36 -7.72 -6.11 15.00
N SER H 37 -7.92 -6.07 16.32
CA SER H 37 -7.63 -7.26 17.10
C SER H 37 -8.56 -8.40 16.64
N VAL H 38 -9.69 -8.05 16.06
CA VAL H 38 -10.60 -9.06 15.60
C VAL H 38 -10.25 -9.43 14.17
N SER H 39 -10.36 -8.46 13.26
CA SER H 39 -10.04 -8.75 11.86
C SER H 39 -8.77 -9.54 11.66
N LEU H 40 -7.69 -9.12 12.29
CA LEU H 40 -6.43 -9.82 12.15
C LEU H 40 -6.45 -11.27 12.61
N ASN H 41 -7.43 -11.65 13.42
CA ASN H 41 -7.46 -13.01 13.98
C ASN H 41 -8.65 -13.91 13.66
N VAL H 42 -9.15 -13.78 12.45
CA VAL H 42 -10.28 -14.59 12.01
C VAL H 42 -10.00 -15.05 10.58
N ASN H 43 -10.75 -16.06 10.14
CA ASN H 43 -10.57 -16.63 8.81
C ASN H 43 -11.16 -15.72 7.71
N GLY H 44 -10.37 -15.55 6.64
CA GLY H 44 -10.78 -14.72 5.52
C GLY H 44 -12.03 -15.25 4.84
N PRO H 45 -12.70 -14.46 4.00
CA PRO H 45 -12.32 -13.09 3.66
C PRO H 45 -12.74 -12.15 4.78
N VAL H 46 -11.98 -11.07 4.95
CA VAL H 46 -12.30 -10.10 5.97
C VAL H 46 -12.56 -8.70 5.45
N LEU H 47 -13.65 -8.11 5.92
CA LEU H 47 -13.99 -6.76 5.54
C LEU H 47 -13.74 -5.87 6.74
N ALA H 48 -12.51 -5.38 6.87
CA ALA H 48 -12.14 -4.50 7.97
C ALA H 48 -12.69 -3.11 7.65
N ASN H 49 -13.70 -2.68 8.40
CA ASN H 49 -14.27 -1.37 8.17
C ASN H 49 -14.36 -0.51 9.42
N ASP H 50 -13.88 0.72 9.30
CA ASP H 50 -13.94 1.68 10.39
C ASP H 50 -14.08 3.08 9.82
N ILE H 51 -15.02 3.85 10.38
CA ILE H 51 -15.27 5.19 9.93
C ILE H 51 -14.04 6.08 9.96
N GLN H 52 -13.18 5.93 10.98
CA GLN H 52 -11.95 6.72 11.09
C GLN H 52 -11.04 6.48 9.90
N GLU H 53 -11.25 7.23 8.84
CA GLU H 53 -10.47 7.11 7.60
C GLU H 53 -8.96 7.28 7.74
N PRO H 54 -8.51 8.17 8.65
CA PRO H 54 -7.07 8.32 8.76
C PRO H 54 -6.38 7.04 9.24
N ILE H 55 -7.07 6.26 10.07
CA ILE H 55 -6.49 5.03 10.59
C ILE H 55 -6.50 3.95 9.54
N ILE H 56 -7.60 3.86 8.78
CA ILE H 56 -7.73 2.88 7.71
C ILE H 56 -6.63 3.17 6.69
N GLU H 57 -6.41 4.43 6.40
CA GLU H 57 -5.35 4.80 5.45
C GLU H 57 -3.97 4.43 5.99
N MET H 58 -3.87 4.32 7.30
CA MET H 58 -2.63 3.99 7.95
C MET H 58 -2.35 2.51 7.78
N TYR H 59 -3.40 1.70 7.85
CA TYR H 59 -3.19 0.28 7.70
C TYR H 59 -2.69 0.07 6.30
N LYS H 60 -3.42 0.62 5.34
CA LYS H 60 -3.07 0.47 3.94
C LYS H 60 -1.64 0.86 3.69
N ARG H 61 -1.12 1.79 4.47
CA ARG H 61 0.26 2.19 4.28
C ARG H 61 1.14 1.10 4.85
N LEU H 62 0.92 0.78 6.12
CA LEU H 62 1.71 -0.25 6.77
C LEU H 62 1.97 -1.46 5.89
N ILE H 63 0.94 -1.85 5.13
CA ILE H 63 1.05 -3.01 4.25
C ILE H 63 2.26 -3.01 3.32
N ASN H 64 2.87 -1.85 3.08
CA ASN H 64 4.03 -1.79 2.20
C ASN H 64 5.24 -1.15 2.87
N VAL H 65 5.30 -1.14 4.19
CA VAL H 65 6.47 -0.56 4.85
C VAL H 65 7.06 -1.72 5.64
N SER H 66 8.23 -1.50 6.24
CA SER H 66 8.93 -2.50 7.02
C SER H 66 9.17 -1.88 8.37
N TRP H 67 9.33 -2.69 9.41
CA TRP H 67 9.57 -2.15 10.74
C TRP H 67 10.86 -1.35 10.81
N ASP H 68 11.57 -1.25 9.72
CA ASP H 68 12.78 -0.49 9.79
C ASP H 68 12.43 0.94 9.43
N ASP H 69 11.42 1.09 8.57
CA ASP H 69 10.93 2.42 8.19
C ASP H 69 10.38 3.12 9.42
N VAL H 70 9.88 2.32 10.37
CA VAL H 70 9.32 2.89 11.57
C VAL H 70 10.45 3.42 12.42
N LEU H 71 11.55 2.68 12.46
CA LEU H 71 12.69 3.10 13.26
C LEU H 71 13.41 4.28 12.63
N LYS H 72 13.52 4.28 11.30
CA LYS H 72 14.17 5.38 10.56
C LYS H 72 13.46 6.69 10.88
N VAL H 73 12.13 6.65 10.93
CA VAL H 73 11.33 7.82 11.26
C VAL H 73 11.46 8.18 12.74
N ILE H 74 11.64 7.18 13.59
CA ILE H 74 11.79 7.51 15.00
C ILE H 74 13.14 8.15 15.16
N LYS H 75 14.17 7.58 14.52
CA LYS H 75 15.52 8.15 14.61
C LYS H 75 15.47 9.60 14.09
N GLN H 76 15.10 9.73 12.81
CA GLN H 76 14.99 11.04 12.19
C GLN H 76 14.39 12.12 13.08
N TYR H 77 13.45 11.76 13.96
CA TYR H 77 12.87 12.77 14.86
C TYR H 77 13.40 12.66 16.29
N LYS H 78 14.38 11.79 16.51
CA LYS H 78 14.95 11.64 17.84
C LYS H 78 13.82 11.60 18.87
N LEU H 79 13.07 10.50 18.88
CA LEU H 79 11.91 10.33 19.79
C LEU H 79 12.18 9.38 20.96
N SER H 80 11.51 9.65 22.09
CA SER H 80 11.67 8.86 23.31
C SER H 80 10.58 9.13 24.34
N LYS H 81 10.72 8.52 25.51
CA LYS H 81 9.77 8.73 26.60
C LYS H 81 9.76 10.21 26.98
N THR H 82 10.68 10.97 26.43
CA THR H 82 10.79 12.39 26.76
C THR H 82 10.73 13.37 25.60
N SER H 83 10.94 12.90 24.39
CA SER H 83 10.92 13.78 23.24
C SER H 83 9.58 14.50 23.01
N LYS H 84 9.11 15.24 24.01
CA LYS H 84 7.85 15.94 23.86
C LYS H 84 7.86 16.98 22.72
N GLU H 85 8.90 17.80 22.66
CA GLU H 85 8.99 18.80 21.60
C GLU H 85 9.06 18.11 20.26
N GLU H 86 9.98 17.16 20.16
CA GLU H 86 10.15 16.38 18.96
C GLU H 86 8.78 15.75 18.65
N PHE H 87 8.11 15.28 19.70
CA PHE H 87 6.78 14.69 19.57
C PHE H 87 5.90 15.69 18.88
N LEU H 88 5.80 16.87 19.48
CA LEU H 88 4.99 17.94 18.94
C LEU H 88 5.27 18.29 17.49
N LYS H 89 6.55 18.19 17.10
CA LYS H 89 6.91 18.51 15.72
C LYS H 89 6.34 17.48 14.76
N LEU H 90 6.58 16.21 15.06
CA LEU H 90 6.10 15.11 14.25
C LEU H 90 4.62 15.32 14.03
N ARG H 91 3.92 15.56 15.13
CA ARG H 91 2.50 15.78 15.09
C ARG H 91 2.19 16.78 13.98
N GLU H 92 2.76 17.97 14.12
CA GLU H 92 2.58 19.05 13.16
C GLU H 92 2.87 18.63 11.71
N ASP H 93 4.02 17.99 11.52
CA ASP H 93 4.42 17.52 10.19
C ASP H 93 3.32 16.63 9.63
N TYR H 94 2.88 15.67 10.44
CA TYR H 94 1.86 14.74 10.00
C TYR H 94 0.59 15.55 9.61
N ASN H 95 0.28 16.56 10.40
CA ASN H 95 -0.91 17.37 10.14
C ASN H 95 -0.91 18.07 8.80
N LYS H 96 0.28 18.43 8.31
CA LYS H 96 0.42 19.11 7.01
C LYS H 96 0.35 18.09 5.87
N THR H 97 1.28 17.14 5.91
CA THR H 97 1.40 16.09 4.90
C THR H 97 0.33 15.02 4.91
N ARG H 98 -0.10 14.59 6.09
CA ARG H 98 -1.12 13.55 6.19
C ARG H 98 -0.58 12.17 5.79
N ASP H 99 0.72 12.03 5.78
CA ASP H 99 1.34 10.76 5.44
C ASP H 99 1.03 9.74 6.53
N PRO H 100 0.30 8.68 6.19
CA PRO H 100 -0.03 7.68 7.19
C PRO H 100 1.12 7.19 8.07
N LEU H 101 2.21 6.72 7.44
CA LEU H 101 3.36 6.22 8.20
C LEU H 101 3.77 7.07 9.40
N LEU H 102 3.58 8.38 9.29
CA LEU H 102 3.91 9.27 10.40
C LEU H 102 2.88 9.18 11.52
N LEU H 103 1.61 9.04 11.12
CA LEU H 103 0.52 8.89 12.06
C LEU H 103 0.80 7.62 12.84
N TYR H 104 1.19 6.57 12.12
CA TYR H 104 1.48 5.31 12.78
C TYR H 104 2.53 5.52 13.88
N VAL H 105 3.57 6.26 13.56
CA VAL H 105 4.62 6.53 14.53
C VAL H 105 4.10 7.34 15.71
N LEU H 106 3.24 8.31 15.44
CA LEU H 106 2.67 9.16 16.49
C LEU H 106 1.97 8.38 17.57
N HIS H 107 1.01 7.55 17.17
CA HIS H 107 0.23 6.76 18.09
C HIS H 107 1.03 6.06 19.18
N PHE H 108 2.29 5.78 18.93
CA PHE H 108 3.09 5.12 19.95
C PHE H 108 3.47 6.09 21.05
N HIS H 109 3.56 7.38 20.71
CA HIS H 109 3.98 8.40 21.67
C HIS H 109 2.89 9.27 22.28
N GLY H 110 1.64 9.01 21.96
CA GLY H 110 0.59 9.85 22.50
C GLY H 110 -0.03 9.49 23.85
N PHE H 111 -0.70 10.49 24.43
CA PHE H 111 -1.38 10.29 25.69
C PHE H 111 -2.30 9.08 25.57
N SER H 112 -1.87 8.01 26.22
CA SER H 112 -2.56 6.76 26.27
C SER H 112 -2.76 6.12 24.92
N ASN H 113 -1.85 6.42 24.00
CA ASN H 113 -1.92 5.84 22.67
C ASN H 113 -3.21 6.18 22.00
N MET H 114 -3.85 7.23 22.49
CA MET H 114 -5.09 7.68 21.91
C MET H 114 -4.84 8.19 20.50
N ILE H 115 -5.76 7.97 19.57
CA ILE H 115 -5.58 8.48 18.23
C ILE H 115 -6.70 9.47 18.01
N ARG H 116 -6.55 10.67 18.57
CA ARG H 116 -7.59 11.68 18.44
C ARG H 116 -7.45 12.56 17.20
N ILE H 117 -8.48 12.59 16.39
CA ILE H 117 -8.49 13.42 15.18
C ILE H 117 -9.61 14.47 15.21
N ASN H 118 -9.32 15.73 14.88
CA ASN H 118 -10.39 16.74 14.89
C ASN H 118 -11.08 16.92 13.55
N ASP H 119 -11.90 17.97 13.42
CA ASP H 119 -12.64 18.25 12.18
C ASP H 119 -11.73 18.58 10.99
N LYS H 120 -10.59 19.22 11.28
CA LYS H 120 -9.61 19.57 10.27
C LYS H 120 -8.94 18.30 9.73
N GLY H 121 -9.07 17.21 10.51
CA GLY H 121 -8.47 15.95 10.14
C GLY H 121 -7.10 15.88 10.76
N ASN H 122 -6.87 16.76 11.72
CA ASN H 122 -5.61 16.80 12.41
C ASN H 122 -5.57 15.90 13.65
N PHE H 123 -4.38 15.40 13.94
CA PHE H 123 -4.14 14.55 15.09
C PHE H 123 -3.93 15.55 16.24
N THR H 124 -4.67 15.40 17.32
CA THR H 124 -4.59 16.32 18.45
C THR H 124 -4.26 15.69 19.78
N THR H 125 -3.86 14.44 19.77
CA THR H 125 -3.51 13.79 21.01
C THR H 125 -2.31 14.51 21.65
N PRO H 126 -2.24 14.60 22.98
CA PRO H 126 -1.08 15.26 23.59
C PRO H 126 0.06 14.24 23.74
N PHE H 127 1.23 14.68 24.19
CA PHE H 127 2.34 13.74 24.36
C PHE H 127 1.89 12.68 25.34
N GLY H 128 2.51 11.50 25.30
CA GLY H 128 2.11 10.41 26.19
C GLY H 128 3.24 9.97 27.12
N LYS H 129 4.34 10.69 27.04
CA LYS H 129 5.50 10.35 27.83
C LYS H 129 5.81 8.86 27.63
N ARG H 130 5.85 8.36 26.40
CA ARG H 130 6.16 6.96 26.16
C ARG H 130 6.55 6.70 24.70
N THR H 131 7.37 5.71 24.46
CA THR H 131 7.65 5.38 23.08
C THR H 131 7.49 3.87 22.87
N ILE H 132 7.58 3.42 21.61
CA ILE H 132 7.46 1.99 21.23
C ILE H 132 8.20 1.08 22.20
N ASN H 133 7.64 -0.09 22.45
CA ASN H 133 8.18 -1.05 23.43
C ASN H 133 8.35 -2.50 22.92
N LYS H 134 8.54 -3.47 23.82
CA LYS H 134 8.74 -4.85 23.41
C LYS H 134 7.57 -5.47 22.64
N ASN H 135 6.42 -4.81 22.66
CA ASN H 135 5.25 -5.32 21.96
C ASN H 135 5.00 -4.64 20.64
N SER H 136 5.60 -3.48 20.43
CA SER H 136 5.36 -2.75 19.19
C SER H 136 5.67 -3.57 17.95
N GLU H 137 6.91 -4.04 17.81
CA GLU H 137 7.23 -4.80 16.61
C GLU H 137 6.31 -6.02 16.47
N LYS H 138 6.06 -6.72 17.58
CA LYS H 138 5.18 -7.87 17.55
C LYS H 138 3.86 -7.55 16.87
N ARG H 139 3.21 -6.47 17.33
CA ARG H 139 1.94 -6.09 16.76
C ARG H 139 2.10 -5.83 15.29
N PHE H 140 3.16 -5.13 14.96
CA PHE H 140 3.42 -4.78 13.58
C PHE H 140 3.39 -6.05 12.75
N ASN H 141 4.26 -6.97 13.16
CA ASN H 141 4.42 -8.28 12.52
C ASN H 141 3.12 -8.99 12.43
N HIS H 142 2.49 -9.18 13.57
CA HIS H 142 1.22 -9.85 13.59
C HIS H 142 0.30 -9.30 12.51
N PHE H 143 0.45 -8.01 12.21
CA PHE H 143 -0.36 -7.32 11.20
C PHE H 143 -0.02 -7.85 9.80
N LYS H 144 1.26 -7.72 9.47
CA LYS H 144 1.79 -8.16 8.19
C LYS H 144 1.32 -9.59 7.91
N GLN H 145 1.71 -10.51 8.80
CA GLN H 145 1.34 -11.92 8.68
C GLN H 145 -0.14 -12.19 8.45
N ASN H 146 -1.01 -11.28 8.88
CA ASN H 146 -2.44 -11.52 8.71
C ASN H 146 -3.27 -10.50 7.96
N CYS H 147 -2.66 -9.46 7.42
CA CYS H 147 -3.44 -8.44 6.71
C CYS H 147 -3.93 -8.93 5.34
N ASP H 148 -3.15 -9.82 4.75
CA ASP H 148 -3.46 -10.41 3.46
C ASP H 148 -4.96 -10.62 3.23
N LYS H 149 -5.62 -11.25 4.19
CA LYS H 149 -7.05 -11.55 4.13
C LYS H 149 -8.05 -10.41 4.31
N ILE H 150 -7.57 -9.16 4.27
CA ILE H 150 -8.48 -8.08 4.54
C ILE H 150 -8.73 -7.03 3.48
N ILE H 151 -9.96 -6.55 3.42
CA ILE H 151 -10.30 -5.47 2.51
C ILE H 151 -10.71 -4.32 3.40
N PHE H 152 -9.84 -3.32 3.45
CA PHE H 152 -10.10 -2.17 4.29
C PHE H 152 -11.09 -1.16 3.72
N SER H 153 -11.97 -0.71 4.59
CA SER H 153 -12.99 0.28 4.24
C SER H 153 -13.07 1.34 5.34
N SER H 154 -13.66 2.48 4.98
CA SER H 154 -13.83 3.58 5.92
C SER H 154 -15.21 4.23 5.75
N LEU H 155 -16.24 3.43 5.87
CA LEU H 155 -17.59 3.91 5.72
C LEU H 155 -18.38 3.94 7.00
N HIS H 156 -19.36 4.85 7.05
CA HIS H 156 -20.25 4.93 8.18
C HIS H 156 -21.13 3.67 8.11
N PHE H 157 -21.05 2.85 9.15
CA PHE H 157 -21.76 1.58 9.21
C PHE H 157 -23.09 1.50 8.49
N LYS H 158 -23.87 2.59 8.50
CA LYS H 158 -25.19 2.60 7.85
C LYS H 158 -25.11 2.58 6.32
N ASP H 159 -23.89 2.71 5.79
CA ASP H 159 -23.68 2.72 4.35
C ASP H 159 -22.69 1.67 3.86
N VAL H 160 -22.47 0.67 4.72
CA VAL H 160 -21.65 -0.49 4.40
C VAL H 160 -22.59 -1.54 3.89
N LYS H 161 -22.28 -2.19 2.78
CA LYS H 161 -23.14 -3.22 2.28
C LYS H 161 -22.86 -4.57 2.93
N ILE H 162 -23.92 -5.31 3.20
CA ILE H 162 -23.80 -6.65 3.72
C ILE H 162 -24.24 -7.64 2.65
N LEU H 163 -23.40 -8.64 2.30
CA LEU H 163 -23.88 -9.65 1.36
C LEU H 163 -24.03 -10.98 2.05
N ASP H 164 -25.13 -11.60 1.72
CA ASP H 164 -25.50 -12.89 2.24
C ASP H 164 -24.32 -13.87 2.41
N GLY H 165 -24.37 -14.61 3.52
CA GLY H 165 -23.34 -15.61 3.80
C GLY H 165 -22.24 -15.07 4.71
N ASP H 166 -22.10 -13.75 4.74
CA ASP H 166 -21.09 -13.15 5.60
C ASP H 166 -21.63 -12.94 7.03
N PHE H 167 -20.74 -13.00 8.00
CA PHE H 167 -21.11 -12.82 9.40
C PHE H 167 -20.64 -11.42 9.82
N VAL H 168 -21.52 -10.67 10.46
CA VAL H 168 -21.17 -9.32 10.87
C VAL H 168 -20.95 -9.21 12.38
N TYR H 169 -19.69 -9.01 12.77
CA TYR H 169 -19.38 -8.80 14.17
C TYR H 169 -19.55 -7.33 14.46
N VAL H 170 -20.33 -7.01 15.49
CA VAL H 170 -20.60 -5.63 15.84
C VAL H 170 -20.06 -5.15 17.19
N ASP H 171 -19.03 -4.32 17.12
CA ASP H 171 -18.42 -3.77 18.31
C ASP H 171 -18.51 -2.26 18.13
N PRO H 172 -19.67 -1.70 18.36
CA PRO H 172 -19.77 -0.25 18.18
C PRO H 172 -19.24 0.44 19.41
N PRO H 173 -19.38 1.77 19.45
CA PRO H 173 -18.90 2.48 20.62
C PRO H 173 -20.00 2.31 21.64
N TYR H 174 -19.66 1.86 22.83
CA TYR H 174 -20.66 1.68 23.86
C TYR H 174 -21.23 3.04 24.27
N LEU H 175 -22.56 3.16 24.24
CA LEU H 175 -23.22 4.39 24.61
C LEU H 175 -22.84 4.89 26.01
N ILE H 176 -23.02 4.03 27.02
CA ILE H 176 -22.72 4.40 28.42
C ILE H 176 -21.24 4.50 28.81
N THR H 177 -20.35 4.66 27.85
CA THR H 177 -18.92 4.76 28.16
C THR H 177 -18.29 5.93 27.42
N VAL H 178 -16.97 6.12 27.58
CA VAL H 178 -16.37 7.28 26.92
C VAL H 178 -15.00 7.00 26.28
N ALA H 179 -15.05 6.90 24.96
CA ALA H 179 -13.85 6.70 24.16
C ALA H 179 -13.73 7.88 23.22
N ASP H 180 -12.58 8.47 23.12
CA ASP H 180 -12.59 9.59 22.23
C ASP H 180 -13.59 9.37 21.11
N TYR H 181 -13.56 8.21 20.45
CA TYR H 181 -14.44 7.99 19.32
C TYR H 181 -15.91 7.90 19.67
N ASN H 182 -16.28 8.21 20.91
CA ASN H 182 -17.69 8.18 21.26
C ASN H 182 -18.32 9.43 20.63
N LYS H 183 -17.47 10.33 20.17
CA LYS H 183 -17.92 11.55 19.51
C LYS H 183 -18.86 11.14 18.37
N PHE H 184 -18.50 10.07 17.68
CA PHE H 184 -19.29 9.60 16.55
C PHE H 184 -20.59 8.87 16.93
N TRP H 185 -20.98 8.88 18.21
CA TRP H 185 -22.17 8.16 18.64
C TRP H 185 -23.27 8.90 19.40
N SER H 186 -24.47 8.31 19.38
CA SER H 186 -25.66 8.88 20.04
C SER H 186 -26.71 7.81 20.25
N GLU H 187 -27.78 8.18 20.95
CA GLU H 187 -28.91 7.29 21.20
C GLU H 187 -29.56 6.94 19.87
N ASP H 188 -29.33 7.80 18.89
CA ASP H 188 -29.84 7.63 17.54
C ASP H 188 -29.04 6.54 16.87
N GLU H 189 -27.76 6.84 16.66
CA GLU H 189 -26.83 5.91 16.04
C GLU H 189 -27.09 4.51 16.60
N GLU H 190 -27.33 4.46 17.91
CA GLU H 190 -27.61 3.22 18.60
C GLU H 190 -28.85 2.58 18.00
N LYS H 191 -29.92 3.37 17.91
CA LYS H 191 -31.18 2.88 17.35
C LYS H 191 -30.97 2.40 15.90
N ASP H 192 -30.36 3.25 15.08
CA ASP H 192 -30.06 2.91 13.71
C ASP H 192 -29.40 1.57 13.59
N LEU H 193 -28.43 1.35 14.49
CA LEU H 193 -27.63 0.12 14.57
C LEU H 193 -28.48 -1.10 14.88
N LEU H 194 -29.24 -1.02 15.96
CA LEU H 194 -30.10 -2.15 16.33
C LEU H 194 -31.08 -2.46 15.21
N ASN H 195 -31.51 -1.42 14.49
CA ASN H 195 -32.42 -1.59 13.37
C ASN H 195 -31.74 -2.41 12.30
N LEU H 196 -30.57 -1.94 11.87
CA LEU H 196 -29.82 -2.64 10.84
C LEU H 196 -29.71 -4.09 11.26
N LEU H 197 -29.32 -4.25 12.53
CA LEU H 197 -29.13 -5.57 13.11
C LEU H 197 -30.36 -6.46 13.02
N ASP H 198 -31.52 -5.97 13.44
CA ASP H 198 -32.75 -6.79 13.34
C ASP H 198 -32.94 -7.14 11.87
N SER H 199 -32.99 -6.10 11.04
CA SER H 199 -33.15 -6.27 9.61
C SER H 199 -32.25 -7.40 9.10
N LEU H 200 -30.95 -7.28 9.35
CA LEU H 200 -29.99 -8.29 8.90
C LEU H 200 -30.51 -9.67 9.29
N ASN H 201 -31.11 -9.76 10.47
CA ASN H 201 -31.68 -10.98 11.00
C ASN H 201 -32.78 -11.44 10.05
N ASP H 202 -33.72 -10.55 9.79
CA ASP H 202 -34.82 -10.80 8.88
C ASP H 202 -34.24 -11.27 7.55
N ARG H 203 -33.36 -10.47 6.98
CA ARG H 203 -32.72 -10.82 5.71
C ARG H 203 -32.02 -12.18 5.86
N GLY H 204 -32.24 -12.83 7.00
CA GLY H 204 -31.67 -14.14 7.28
C GLY H 204 -30.18 -14.11 7.53
N ILE H 205 -29.69 -13.00 8.10
CA ILE H 205 -28.27 -12.82 8.37
C ILE H 205 -27.91 -12.93 9.86
N LYS H 206 -26.85 -13.70 10.14
CA LYS H 206 -26.36 -13.92 11.50
C LYS H 206 -25.31 -12.91 11.95
N PHE H 207 -25.64 -12.17 13.00
CA PHE H 207 -24.72 -11.18 13.51
C PHE H 207 -24.29 -11.49 14.94
N GLY H 208 -23.35 -10.69 15.42
CA GLY H 208 -22.83 -10.84 16.77
C GLY H 208 -22.52 -9.42 17.19
N LEU H 209 -22.83 -9.07 18.41
CA LEU H 209 -22.57 -7.72 18.83
C LEU H 209 -22.25 -7.61 20.30
N SER H 210 -21.22 -6.82 20.59
CA SER H 210 -20.77 -6.60 21.94
C SER H 210 -21.26 -5.26 22.44
N ASN H 211 -21.46 -5.17 23.73
CA ASN H 211 -21.88 -3.92 24.32
C ASN H 211 -21.95 -4.13 25.81
N VAL H 212 -22.28 -3.07 26.54
CA VAL H 212 -22.38 -3.12 27.99
C VAL H 212 -23.72 -2.55 28.41
N LEU H 213 -24.46 -3.36 29.14
CA LEU H 213 -25.77 -2.97 29.60
C LEU H 213 -25.75 -2.06 30.82
N GLU H 214 -24.71 -2.21 31.65
CA GLU H 214 -24.56 -1.40 32.86
C GLU H 214 -23.09 -1.11 33.20
N HIS H 215 -22.71 0.13 33.08
CA HIS H 215 -21.33 0.51 33.37
C HIS H 215 -21.28 1.67 34.37
N HIS H 216 -20.72 1.45 35.53
CA HIS H 216 -20.53 2.62 36.35
C HIS H 216 -21.78 3.37 36.69
N GLY H 217 -22.84 2.65 37.00
CA GLY H 217 -24.04 3.35 37.36
C GLY H 217 -25.05 3.57 36.24
N LYS H 218 -24.71 3.62 34.96
CA LYS H 218 -25.77 3.90 33.95
C LYS H 218 -26.27 2.63 33.25
N GLU H 219 -27.29 2.74 32.40
CA GLU H 219 -27.80 1.56 31.69
C GLU H 219 -28.41 1.83 30.31
N ASN H 220 -27.99 1.06 29.31
CA ASN H 220 -28.51 1.24 27.97
C ASN H 220 -29.84 0.51 27.85
N THR H 221 -30.86 1.06 28.48
CA THR H 221 -32.19 0.47 28.44
C THR H 221 -32.56 0.14 27.00
N LEU H 222 -32.34 1.10 26.10
CA LEU H 222 -32.63 0.91 24.68
C LEU H 222 -32.30 -0.51 24.24
N LEU H 223 -31.12 -0.99 24.68
CA LEU H 223 -30.62 -2.32 24.33
C LEU H 223 -31.02 -3.42 25.32
N LYS H 224 -30.95 -3.11 26.62
CA LYS H 224 -31.30 -4.09 27.66
C LYS H 224 -32.65 -4.67 27.26
N GLU H 225 -33.58 -3.80 26.84
CA GLU H 225 -34.90 -4.24 26.39
C GLU H 225 -34.69 -4.95 25.03
N TRP H 226 -34.31 -4.19 24.01
CA TRP H 226 -34.07 -4.74 22.69
C TRP H 226 -33.48 -6.16 22.78
N SER H 227 -32.30 -6.27 23.39
CA SER H 227 -31.59 -7.56 23.55
C SER H 227 -32.37 -8.81 23.89
N LYS H 228 -33.49 -8.65 24.58
CA LYS H 228 -34.32 -9.79 24.99
C LYS H 228 -34.80 -10.70 23.83
N LYS H 229 -34.87 -10.15 22.62
CA LYS H 229 -35.31 -10.92 21.45
C LYS H 229 -34.25 -11.90 21.04
N TYR H 230 -32.99 -11.52 21.23
CA TYR H 230 -31.85 -12.36 20.84
C TYR H 230 -31.09 -13.04 22.00
N ASN H 231 -30.07 -13.83 21.65
CA ASN H 231 -29.24 -14.52 22.63
C ASN H 231 -28.39 -13.47 23.35
N VAL H 232 -28.21 -13.60 24.67
CA VAL H 232 -27.44 -12.61 25.37
C VAL H 232 -26.41 -13.16 26.34
N LYS H 233 -25.23 -13.52 25.83
CA LYS H 233 -24.15 -14.05 26.68
C LYS H 233 -23.50 -12.99 27.57
N HIS H 234 -23.66 -13.15 28.88
CA HIS H 234 -23.07 -12.21 29.82
C HIS H 234 -21.65 -12.69 30.06
N LEU H 235 -20.75 -11.83 30.54
CA LEU H 235 -19.38 -12.27 30.71
C LEU H 235 -18.67 -11.78 31.93
N ASN H 236 -19.04 -10.61 32.45
CA ASN H 236 -18.33 -10.11 33.61
C ASN H 236 -18.48 -11.09 34.75
N LYS H 237 -19.57 -10.97 35.49
CA LYS H 237 -19.82 -11.90 36.61
C LYS H 237 -21.25 -12.42 36.46
N LYS H 238 -21.51 -13.62 36.98
CA LYS H 238 -22.84 -14.22 36.87
C LYS H 238 -23.38 -14.74 38.20
N ASN H 250 -21.62 0.25 42.14
CA ASN H 250 -20.96 0.11 40.85
C ASN H 250 -21.27 -1.24 40.18
N GLY H 251 -20.44 -1.61 39.19
CA GLY H 251 -20.60 -2.86 38.46
C GLY H 251 -20.70 -2.67 36.94
N THR H 252 -20.14 -3.60 36.17
CA THR H 252 -20.20 -3.49 34.71
C THR H 252 -20.59 -4.81 34.03
N ASP H 253 -21.70 -4.79 33.31
CA ASP H 253 -22.18 -5.98 32.64
C ASP H 253 -21.85 -6.04 31.14
N GLU H 254 -20.69 -6.58 30.82
CA GLU H 254 -20.24 -6.72 29.43
C GLU H 254 -20.99 -7.94 28.88
N VAL H 255 -21.62 -7.80 27.73
CA VAL H 255 -22.36 -8.91 27.16
C VAL H 255 -22.12 -9.09 25.66
N TYR H 256 -22.57 -10.22 25.13
CA TYR H 256 -22.49 -10.51 23.73
C TYR H 256 -23.87 -10.89 23.25
N ILE H 257 -24.50 -9.99 22.51
CA ILE H 257 -25.84 -10.21 21.99
C ILE H 257 -25.74 -10.71 20.55
N PHE H 258 -26.40 -11.83 20.26
CA PHE H 258 -26.33 -12.41 18.92
C PHE H 258 -27.56 -13.19 18.48
N ASN H 259 -27.69 -13.35 17.16
CA ASN H 259 -28.77 -14.12 16.56
C ASN H 259 -28.14 -15.45 16.10
#